data_4OUR
#
_entry.id   4OUR
#
_cell.length_a   127.502
_cell.length_b   127.502
_cell.length_c   300.772
_cell.angle_alpha   90.00
_cell.angle_beta   90.00
_cell.angle_gamma   90.00
#
_symmetry.space_group_name_H-M   'P 41 21 2'
#
loop_
_entity.id
_entity.type
_entity.pdbx_description
1 polymer 'Phytochrome B'
2 polymer 'Phytochrome B'
3 non-polymer 'SULFATE ION'
4 non-polymer GLYCEROL
5 non-polymer '3-[5-[[(3~{R},4~{R})-3-ethyl-4-methyl-5-oxidanylidene-3,4-dihydropyrrol-2-yl]methyl]-2-[[5-[(4-ethyl-3-methyl-5-oxidanylidene-pyrrol-2-yl)methyl]-3-(3-hydroxy-3-oxopropyl)-4-methyl-1~{H}-pyrrol-2-yl]methyl]-4-methyl-1~{H}-pyrrol-3-yl]propanoic acid'
6 non-polymer 'TRIETHYLENE GLYCOL'
7 water water
#
loop_
_entity_poly.entity_id
_entity_poly.type
_entity_poly.pdbx_seq_one_letter_code
_entity_poly.pdbx_strand_id
1 'polypeptide(L)'
;MTTYGSSVPEQQITAYLSRIQRGGYIQPFGCMIAVDESSFRIIGYSENAREMLGIMPQSVPTLEKPEILAMGTDVRSLFT
SSSSILLERAFVAREITLLNPVWIHSKNTGKPFYAILHRIDVGVVIDLEPARTEDPALSIAGAVQSQKLAVRAISQLQAL
PGGDIKLLCDTVVESVRDLTGYDRVMVYKFHEDEHGEVVAESKRDDLEPYIGLHYPATDIPQASRFLFKQNRVRMIVDCN
ATPVLVVQDDRLTQSMCLVGSTLRAPHGCHSQYMANMGSIASLAMAVIINGNEDDGSNVASGRSSMRLWGLVVCHHTSSR
CIPFPLRYACEFLMQAFGLQLNMELQLALQMSEKRVLRTQTLLCDMLLRDSPAGIVTQSPSIMDLVKCDGAAFLYHGKYY
PLGVAPSEVQIKDVVEWLLANHADSTGLSTDSLGDAGYPGAAALGDAVCGMAVAYITKRDFLFWFRSHTAKEIKWGGAKH
HPEDKDDGQRMHPRSSFQAFLEVVKSRSQPWETAEMDAIHSLQLILRDSFKESEAASLHHHHHH
;
A
2 'polypeptide(L)'
;MTTYGSSVPEQQITAYLSRIQRGGYIQPFGCMIAVDESSFRIIGYSENAREMLGIMPQSVPTLEKPEILAMGTDVRSLFT
SSSSILLERAFVAREITLLNPVWIHSKNTGKPFYAILHRIDVGVVIDLEPARTEDPALSIAGAVQSQKLAVRAISQLQAL
PGGDIKLLCDTVVESVRDLTGYDRVMVYKFHEDEHGEVVAESKRDDLEPYIGLHYPATDIPQASRFLFKQNRVRMIVDCN
ATPVLVVQDDRLTQSMCLVGSTLRAPHGCHSQYMANMGSIASLAMAVIINGNEDDGSNVASGRSSMRLWGLVVCHHTSSR
CIPFPLRYACEFLMQAFGLQLNMELQLALQMSEKRVLRTQTLLCDMLLRDSPAGIVTQSPSIMDLVKCDGAAFLYHGKYY
PLGVAPS(UNK)(UNK)(UNK)(UNK)(UNK)(UNK)(UNK)(UNK)(UNK)(UNK)(UNK)(UNK)(UNK)NHADSTGL
STDSLGDA(UNK)(UNK)(UNK)(UNK)(UNK)(UNK)ALGDAVCGMAVAYITKRDFLFWFRSHTAKEIKWGGAKHHPED
KDDGQRMHPRSSFQAFLEVVKSRSQPWETAEMDAIHSLQLILRDSFKESEAASLHHHHHH
;
B
#
loop_
_chem_comp.id
_chem_comp.type
_chem_comp.name
_chem_comp.formula
GOL non-polymer GLYCEROL 'C3 H8 O3'
O6E non-polymer '3-[5-[[(3~{R},4~{R})-3-ethyl-4-methyl-5-oxidanylidene-3,4-dihydropyrrol-2-yl]methyl]-2-[[5-[(4-ethyl-3-methyl-5-oxidanylidene-pyrrol-2-yl)methyl]-3-(3-hydroxy-3-oxopropyl)-4-methyl-1~{H}-pyrrol-2-yl]methyl]-4-methyl-1~{H}-pyrrol-3-yl]propanoic acid' 'C33 H38 N4 O6'
PGE non-polymer 'TRIETHYLENE GLYCOL' 'C6 H14 O4'
SO4 non-polymer 'SULFATE ION' 'O4 S -2'
#
# COMPACT_ATOMS: atom_id res chain seq x y z
N ILE A 13 33.88 6.90 1.62
CA ILE A 13 33.74 5.86 0.60
C ILE A 13 32.77 6.29 -0.49
N THR A 14 31.62 6.83 -0.06
CA THR A 14 30.61 7.30 -1.00
C THR A 14 30.77 8.78 -1.29
N ALA A 15 30.82 9.12 -2.57
CA ALA A 15 30.99 10.50 -3.00
C ALA A 15 29.75 11.34 -2.71
N TYR A 16 29.96 12.62 -2.44
CA TYR A 16 28.90 13.60 -2.18
C TYR A 16 28.08 13.30 -0.92
N LEU A 17 28.33 12.17 -0.28
CA LEU A 17 27.52 11.72 0.85
C LEU A 17 27.53 12.72 2.01
N SER A 18 28.71 12.97 2.56
CA SER A 18 28.86 13.87 3.70
C SER A 18 28.53 15.32 3.32
N ARG A 19 28.61 15.63 2.03
CA ARG A 19 28.37 16.98 1.55
C ARG A 19 26.88 17.26 1.37
N ILE A 20 26.10 16.21 1.12
CA ILE A 20 24.65 16.35 1.04
C ILE A 20 24.04 16.22 2.44
N GLN A 21 24.52 15.23 3.18
CA GLN A 21 24.02 14.97 4.52
C GLN A 21 24.30 16.12 5.47
N ARG A 22 25.55 16.54 5.55
CA ARG A 22 25.96 17.55 6.51
C ARG A 22 26.50 18.81 5.82
N GLY A 23 25.79 19.26 4.80
CA GLY A 23 26.10 20.53 4.16
C GLY A 23 25.39 21.65 4.89
N GLY A 24 26.17 22.56 5.45
CA GLY A 24 25.61 23.60 6.32
C GLY A 24 24.86 24.71 5.61
N TYR A 25 24.07 24.36 4.61
CA TYR A 25 23.28 25.36 3.88
C TYR A 25 21.84 24.90 3.69
N ILE A 26 20.92 25.83 3.85
CA ILE A 26 19.50 25.56 3.67
C ILE A 26 18.90 26.47 2.60
N GLN A 27 17.72 26.12 2.11
CA GLN A 27 17.00 26.96 1.16
C GLN A 27 16.45 28.19 1.87
N PRO A 28 16.40 29.34 1.18
CA PRO A 28 16.04 30.61 1.81
C PRO A 28 14.54 30.87 1.93
N PHE A 29 13.71 29.96 1.46
CA PHE A 29 12.26 30.19 1.48
C PHE A 29 11.67 29.98 2.87
N GLY A 30 12.48 29.43 3.77
CA GLY A 30 12.08 29.25 5.15
C GLY A 30 13.29 29.33 6.07
N CYS A 31 13.07 29.17 7.37
CA CYS A 31 14.18 29.18 8.31
C CYS A 31 14.22 27.90 9.12
N MET A 32 15.35 27.63 9.78
CA MET A 32 15.53 26.40 10.52
C MET A 32 16.16 26.64 11.89
N ILE A 33 15.62 26.00 12.91
CA ILE A 33 16.16 26.15 14.27
C ILE A 33 16.44 24.80 14.92
N ALA A 34 17.70 24.54 15.24
CA ALA A 34 18.11 23.31 15.88
C ALA A 34 18.21 23.45 17.39
N VAL A 35 17.47 22.61 18.10
CA VAL A 35 17.31 22.72 19.55
C VAL A 35 17.91 21.53 20.29
N ASP A 36 18.34 21.76 21.54
CA ASP A 36 18.74 20.67 22.41
C ASP A 36 17.49 20.04 23.03
N GLU A 37 17.33 18.74 22.85
CA GLU A 37 16.12 18.03 23.26
C GLU A 37 15.85 18.09 24.77
N SER A 38 16.92 18.15 25.56
CA SER A 38 16.79 18.03 27.00
C SER A 38 16.71 19.38 27.70
N SER A 39 17.28 20.42 27.09
CA SER A 39 17.39 21.72 27.74
C SER A 39 16.68 22.84 26.98
N PHE A 40 16.09 22.49 25.83
CA PHE A 40 15.34 23.45 25.01
C PHE A 40 16.17 24.65 24.59
N ARG A 41 17.49 24.49 24.58
CA ARG A 41 18.39 25.56 24.18
C ARG A 41 18.67 25.48 22.68
N ILE A 42 18.82 26.63 22.04
CA ILE A 42 19.17 26.67 20.63
C ILE A 42 20.63 26.27 20.44
N ILE A 43 20.85 25.22 19.65
CA ILE A 43 22.20 24.77 19.35
C ILE A 43 22.50 24.98 17.88
N GLY A 44 21.54 25.51 17.14
CA GLY A 44 21.74 25.84 15.75
C GLY A 44 20.65 26.74 15.20
N TYR A 45 20.98 27.53 14.18
CA TYR A 45 19.98 28.37 13.51
C TYR A 45 20.53 28.94 12.21
N SER A 46 19.66 29.09 11.23
CA SER A 46 20.05 29.70 9.96
C SER A 46 20.10 31.22 10.10
N GLU A 47 20.87 31.87 9.24
CA GLU A 47 21.08 33.31 9.35
C GLU A 47 19.84 34.12 8.99
N ASN A 48 18.93 33.50 8.23
CA ASN A 48 17.71 34.19 7.83
C ASN A 48 16.60 34.06 8.86
N ALA A 49 16.87 33.34 9.94
CA ALA A 49 15.88 33.10 10.98
C ALA A 49 15.50 34.40 11.68
N ARG A 50 16.50 35.18 12.07
CA ARG A 50 16.28 36.44 12.76
C ARG A 50 15.42 37.38 11.92
N GLU A 51 15.68 37.39 10.62
CA GLU A 51 14.95 38.25 9.70
C GLU A 51 13.53 37.76 9.44
N MET A 52 13.39 36.44 9.28
CA MET A 52 12.09 35.86 8.94
C MET A 52 11.14 35.88 10.14
N LEU A 53 11.67 35.69 11.33
CA LEU A 53 10.87 35.73 12.54
C LEU A 53 10.59 37.17 12.97
N GLY A 54 11.28 38.11 12.32
CA GLY A 54 11.12 39.52 12.62
C GLY A 54 11.73 39.89 13.96
N ILE A 55 12.80 39.19 14.33
CA ILE A 55 13.46 39.40 15.60
C ILE A 55 14.32 40.67 15.55
N MET A 56 14.80 41.00 14.36
CA MET A 56 15.64 42.18 14.14
C MET A 56 16.90 42.14 15.00
N ILE A 68 17.62 38.90 20.24
CA ILE A 68 17.38 38.02 21.38
C ILE A 68 17.51 36.55 21.00
N LEU A 69 18.15 36.30 19.85
CA LEU A 69 18.38 34.94 19.38
C LEU A 69 19.88 34.65 19.30
N ALA A 70 20.34 33.75 20.15
CA ALA A 70 21.75 33.37 20.18
C ALA A 70 21.91 31.88 20.49
N MET A 71 23.14 31.48 20.79
CA MET A 71 23.42 30.09 21.14
C MET A 71 23.12 29.82 22.60
N GLY A 72 21.96 29.22 22.86
CA GLY A 72 21.54 28.94 24.21
C GLY A 72 20.20 29.58 24.53
N THR A 73 19.67 30.33 23.58
CA THR A 73 18.39 31.00 23.76
C THR A 73 17.25 29.99 23.84
N ASP A 74 16.40 30.14 24.84
CA ASP A 74 15.25 29.26 25.01
C ASP A 74 14.28 29.46 23.85
N VAL A 75 14.01 28.40 23.12
CA VAL A 75 13.18 28.45 21.91
C VAL A 75 11.76 28.95 22.21
N ARG A 76 11.22 28.52 23.34
CA ARG A 76 9.85 28.86 23.72
C ARG A 76 9.64 30.37 23.89
N SER A 77 10.75 31.11 24.00
CA SER A 77 10.69 32.56 24.12
C SER A 77 10.44 33.22 22.77
N LEU A 78 10.81 32.54 21.70
CA LEU A 78 10.66 33.08 20.35
C LEU A 78 9.22 33.03 19.87
N PHE A 79 8.48 32.02 20.34
CA PHE A 79 7.10 31.84 19.91
C PHE A 79 6.11 32.10 21.04
N THR A 80 4.82 32.05 20.71
CA THR A 80 3.77 32.28 21.68
C THR A 80 3.77 31.18 22.75
N SER A 81 3.16 31.47 23.89
CA SER A 81 3.15 30.54 25.02
C SER A 81 2.40 29.25 24.69
N SER A 82 1.33 29.36 23.91
CA SER A 82 0.57 28.20 23.47
C SER A 82 1.46 27.32 22.59
N SER A 83 2.13 27.96 21.63
CA SER A 83 3.08 27.27 20.76
C SER A 83 4.21 26.71 21.60
N SER A 84 4.58 27.43 22.65
CA SER A 84 5.66 27.00 23.55
C SER A 84 5.33 25.69 24.23
N ILE A 85 4.22 25.65 24.95
CA ILE A 85 3.81 24.43 25.64
C ILE A 85 3.49 23.32 24.64
N LEU A 86 3.05 23.70 23.44
CA LEU A 86 2.75 22.73 22.39
C LEU A 86 4.02 22.01 21.92
N LEU A 87 5.08 22.77 21.68
CA LEU A 87 6.35 22.17 21.25
C LEU A 87 7.03 21.48 22.42
N GLU A 88 6.73 21.93 23.64
CA GLU A 88 7.18 21.23 24.84
C GLU A 88 6.57 19.83 24.84
N ARG A 89 5.30 19.75 24.49
CA ARG A 89 4.61 18.48 24.35
C ARG A 89 5.21 17.67 23.20
N ALA A 90 5.62 18.39 22.15
CA ALA A 90 6.18 17.75 20.95
C ALA A 90 7.50 17.05 21.23
N PHE A 91 8.41 17.71 21.93
CA PHE A 91 9.74 17.16 22.19
C PHE A 91 9.70 15.86 22.97
N VAL A 92 8.82 15.80 23.98
CA VAL A 92 8.76 14.65 24.86
C VAL A 92 8.10 13.44 24.20
N ALA A 93 7.25 13.70 23.21
CA ALA A 93 6.48 12.67 22.53
C ALA A 93 7.33 11.53 22.00
N ARG A 94 6.77 10.33 21.97
CA ARG A 94 7.47 9.15 21.49
C ARG A 94 7.78 9.26 20.00
N GLU A 95 6.90 9.92 19.27
CA GLU A 95 7.12 10.16 17.85
C GLU A 95 6.77 11.61 17.51
N ILE A 96 7.78 12.37 17.10
CA ILE A 96 7.62 13.80 16.82
C ILE A 96 6.85 14.03 15.53
N THR A 97 7.10 13.17 14.55
CA THR A 97 6.50 13.29 13.22
C THR A 97 4.97 13.41 13.25
N LEU A 98 4.36 12.82 14.27
CA LEU A 98 2.91 12.81 14.38
C LEU A 98 2.33 14.19 14.68
N LEU A 99 3.16 15.11 15.16
CA LEU A 99 2.68 16.45 15.48
C LEU A 99 2.96 17.46 14.35
N ASN A 100 3.62 17.00 13.30
CA ASN A 100 3.91 17.87 12.16
C ASN A 100 2.69 17.97 11.23
N PRO A 101 2.40 19.19 10.76
CA PRO A 101 3.10 20.43 11.07
C PRO A 101 2.46 21.23 12.21
N VAL A 102 3.29 21.80 13.06
CA VAL A 102 2.80 22.61 14.18
C VAL A 102 2.58 24.06 13.76
N TRP A 103 1.33 24.48 13.78
CA TRP A 103 0.97 25.87 13.44
C TRP A 103 1.44 26.81 14.53
N ILE A 104 2.52 27.55 14.25
CA ILE A 104 3.14 28.39 15.27
C ILE A 104 3.13 29.87 14.94
N HIS A 105 2.70 30.69 15.89
CA HIS A 105 2.77 32.14 15.75
C HIS A 105 4.06 32.67 16.38
N SER A 106 4.56 33.78 15.86
CA SER A 106 5.79 34.38 16.38
C SER A 106 5.50 35.50 17.37
N LYS A 107 6.43 35.74 18.28
CA LYS A 107 6.29 36.78 19.29
C LYS A 107 6.28 38.17 18.67
N ASN A 108 7.29 38.47 17.87
CA ASN A 108 7.46 39.81 17.29
C ASN A 108 6.48 40.10 16.16
N THR A 109 6.63 39.38 15.06
CA THR A 109 5.78 39.59 13.89
C THR A 109 4.32 39.25 14.16
N GLY A 110 4.07 37.97 14.41
CA GLY A 110 2.71 37.49 14.60
C GLY A 110 2.23 36.73 13.37
N LYS A 111 3.15 36.50 12.44
CA LYS A 111 2.84 35.76 11.22
C LYS A 111 2.95 34.26 11.45
N PRO A 112 2.06 33.48 10.83
CA PRO A 112 2.00 32.02 11.01
C PRO A 112 3.14 31.27 10.32
N PHE A 113 3.58 30.19 10.94
CA PHE A 113 4.63 29.34 10.40
C PHE A 113 4.29 27.86 10.61
N TYR A 114 4.45 27.07 9.56
CA TYR A 114 4.40 25.62 9.67
C TYR A 114 5.69 25.13 10.32
N ALA A 115 5.57 24.36 11.39
CA ALA A 115 6.75 23.83 12.06
C ALA A 115 6.88 22.34 11.79
N ILE A 116 7.90 21.97 11.02
CA ILE A 116 8.19 20.57 10.72
C ILE A 116 9.33 20.08 11.59
N LEU A 117 9.00 19.39 12.68
CA LEU A 117 10.01 18.93 13.63
C LEU A 117 10.47 17.51 13.31
N HIS A 118 11.76 17.26 13.52
CA HIS A 118 12.29 15.91 13.42
C HIS A 118 13.53 15.78 14.30
N ARG A 119 14.04 14.56 14.46
CA ARG A 119 15.16 14.35 15.37
C ARG A 119 16.43 13.95 14.64
N ILE A 120 17.55 14.53 15.06
CA ILE A 120 18.87 14.14 14.56
C ILE A 120 19.73 13.65 15.72
N ASP A 121 20.97 13.29 15.42
CA ASP A 121 21.87 12.76 16.43
C ASP A 121 22.20 13.79 17.52
N VAL A 122 22.01 15.06 17.21
CA VAL A 122 22.33 16.13 18.14
C VAL A 122 21.14 16.50 19.01
N GLY A 123 20.03 16.85 18.37
CA GLY A 123 18.82 17.24 19.09
C GLY A 123 17.61 17.23 18.19
N VAL A 124 16.74 18.22 18.36
CA VAL A 124 15.52 18.31 17.57
C VAL A 124 15.55 19.49 16.61
N VAL A 125 15.50 19.18 15.31
CA VAL A 125 15.51 20.19 14.26
C VAL A 125 14.09 20.64 13.91
N ILE A 126 13.90 21.96 13.88
CA ILE A 126 12.61 22.56 13.55
C ILE A 126 12.68 23.30 12.22
N ASP A 127 11.87 22.86 11.27
CA ASP A 127 11.80 23.50 9.95
C ASP A 127 10.61 24.45 9.89
N LEU A 128 10.88 25.74 10.01
CA LEU A 128 9.83 26.75 9.93
C LEU A 128 9.62 27.21 8.48
N GLU A 129 8.46 26.87 7.94
CA GLU A 129 8.08 27.27 6.60
C GLU A 129 6.90 28.24 6.67
N PRO A 130 7.08 29.46 6.13
CA PRO A 130 6.05 30.49 6.20
C PRO A 130 4.73 30.06 5.55
N ALA A 131 3.63 30.30 6.24
CA ALA A 131 2.31 29.94 5.73
C ALA A 131 1.73 31.05 4.86
N ARG A 132 1.35 30.70 3.64
CA ARG A 132 0.84 31.70 2.69
C ARG A 132 -0.54 32.21 3.09
N THR A 133 -1.41 31.31 3.55
CA THR A 133 -2.72 31.70 4.04
C THR A 133 -2.64 32.03 5.52
N GLU A 134 -3.24 33.15 5.93
CA GLU A 134 -3.11 33.62 7.29
C GLU A 134 -4.28 33.23 8.18
N ASP A 135 -5.50 33.36 7.66
CA ASP A 135 -6.68 32.91 8.40
C ASP A 135 -6.72 31.38 8.40
N PRO A 136 -6.83 30.79 9.59
CA PRO A 136 -6.69 29.34 9.80
C PRO A 136 -7.70 28.50 9.01
N ALA A 137 -8.95 28.93 8.95
CA ALA A 137 -10.01 28.16 8.31
C ALA A 137 -9.68 27.77 6.87
N LEU A 138 -9.21 28.74 6.08
CA LEU A 138 -8.87 28.51 4.70
C LEU A 138 -7.70 27.53 4.55
N SER A 139 -6.71 27.66 5.43
CA SER A 139 -5.55 26.78 5.41
C SER A 139 -5.96 25.34 5.72
N ILE A 140 -6.77 25.17 6.76
CA ILE A 140 -7.29 23.87 7.16
C ILE A 140 -8.08 23.24 6.01
N ALA A 141 -8.99 24.03 5.45
CA ALA A 141 -9.81 23.57 4.32
C ALA A 141 -8.94 23.14 3.16
N GLY A 142 -7.86 23.88 2.92
CA GLY A 142 -6.93 23.56 1.86
C GLY A 142 -6.21 22.25 2.11
N ALA A 143 -5.79 22.04 3.36
CA ALA A 143 -5.11 20.80 3.74
C ALA A 143 -6.03 19.60 3.55
N VAL A 144 -7.24 19.71 4.09
CA VAL A 144 -8.25 18.66 3.96
C VAL A 144 -8.52 18.36 2.49
N GLN A 145 -8.64 19.41 1.69
CA GLN A 145 -8.85 19.28 0.25
C GLN A 145 -7.70 18.51 -0.39
N SER A 146 -6.48 18.81 0.03
CA SER A 146 -5.29 18.16 -0.51
C SER A 146 -5.27 16.67 -0.18
N GLN A 147 -5.50 16.34 1.09
CA GLN A 147 -5.54 14.95 1.52
C GLN A 147 -6.62 14.18 0.76
N LYS A 148 -7.80 14.80 0.64
CA LYS A 148 -8.91 14.22 -0.10
C LYS A 148 -8.54 13.94 -1.55
N LEU A 149 -7.84 14.91 -2.16
CA LEU A 149 -7.41 14.76 -3.55
C LEU A 149 -6.37 13.65 -3.69
N ALA A 150 -5.57 13.45 -2.65
CA ALA A 150 -4.62 12.35 -2.64
C ALA A 150 -5.35 11.01 -2.60
N VAL A 151 -6.29 10.89 -1.67
CA VAL A 151 -7.08 9.66 -1.54
C VAL A 151 -7.81 9.34 -2.84
N ARG A 152 -8.40 10.37 -3.45
CA ARG A 152 -9.12 10.22 -4.71
C ARG A 152 -8.18 9.81 -5.84
N ALA A 153 -7.00 10.42 -5.88
CA ALA A 153 -6.01 10.09 -6.90
C ALA A 153 -5.58 8.64 -6.79
N ILE A 154 -5.34 8.19 -5.57
CA ILE A 154 -5.00 6.78 -5.33
C ILE A 154 -6.14 5.88 -5.76
N SER A 155 -7.36 6.26 -5.41
CA SER A 155 -8.55 5.50 -5.78
C SER A 155 -8.68 5.32 -7.29
N GLN A 156 -8.42 6.40 -8.02
CA GLN A 156 -8.42 6.34 -9.48
C GLN A 156 -7.29 5.47 -9.99
N LEU A 157 -6.17 5.52 -9.28
CA LEU A 157 -4.98 4.75 -9.65
C LEU A 157 -5.19 3.26 -9.45
N GLN A 158 -6.10 2.90 -8.54
CA GLN A 158 -6.38 1.51 -8.20
C GLN A 158 -7.24 0.82 -9.26
N ALA A 159 -8.08 1.58 -9.95
CA ALA A 159 -9.06 1.01 -10.86
C ALA A 159 -8.49 0.73 -12.26
N LEU A 160 -7.18 0.87 -12.39
CA LEU A 160 -6.53 0.64 -13.68
C LEU A 160 -6.31 -0.85 -13.95
N PRO A 161 -6.45 -1.26 -15.23
CA PRO A 161 -6.18 -2.64 -15.64
C PRO A 161 -4.73 -3.04 -15.37
N GLY A 162 -4.52 -4.30 -15.01
CA GLY A 162 -3.18 -4.78 -14.69
C GLY A 162 -2.36 -5.10 -15.93
N GLY A 163 -1.05 -5.06 -15.78
CA GLY A 163 -0.14 -5.38 -16.88
C GLY A 163 0.28 -4.14 -17.66
N ASP A 164 -0.54 -3.11 -17.62
CA ASP A 164 -0.26 -1.88 -18.35
C ASP A 164 0.43 -0.86 -17.46
N ILE A 165 1.76 -0.92 -17.43
CA ILE A 165 2.56 -0.04 -16.59
C ILE A 165 2.62 1.38 -17.17
N LYS A 166 2.63 1.46 -18.49
CA LYS A 166 2.68 2.74 -19.18
C LYS A 166 1.45 3.59 -18.84
N LEU A 167 0.29 2.94 -18.80
CA LEU A 167 -0.95 3.61 -18.42
C LEU A 167 -0.88 4.09 -16.98
N LEU A 168 -0.24 3.29 -16.13
CA LEU A 168 -0.06 3.64 -14.73
C LEU A 168 0.79 4.90 -14.59
N CYS A 169 1.92 4.92 -15.28
CA CYS A 169 2.83 6.06 -15.21
C CYS A 169 2.23 7.32 -15.82
N ASP A 170 1.51 7.17 -16.94
CA ASP A 170 0.85 8.30 -17.57
C ASP A 170 -0.23 8.87 -16.67
N THR A 171 -1.04 7.99 -16.09
CA THR A 171 -2.13 8.44 -15.23
C THR A 171 -1.59 9.04 -13.94
N VAL A 172 -0.39 8.60 -13.54
CA VAL A 172 0.18 9.10 -12.29
C VAL A 172 0.91 10.42 -12.50
N VAL A 173 1.44 10.65 -13.71
CA VAL A 173 2.04 11.96 -13.97
C VAL A 173 0.94 12.97 -14.24
N GLU A 174 -0.16 12.52 -14.86
CA GLU A 174 -1.30 13.40 -15.04
C GLU A 174 -1.93 13.75 -13.69
N SER A 175 -2.04 12.76 -12.82
CA SER A 175 -2.60 12.99 -11.49
C SER A 175 -1.71 13.91 -10.66
N VAL A 176 -0.42 13.57 -10.57
CA VAL A 176 0.53 14.37 -9.80
C VAL A 176 0.61 15.79 -10.34
N ARG A 177 0.55 15.95 -11.66
CA ARG A 177 0.53 17.28 -12.25
C ARG A 177 -0.73 18.03 -11.87
N ASP A 178 -1.86 17.32 -11.87
CA ASP A 178 -3.14 17.92 -11.51
C ASP A 178 -3.17 18.37 -10.05
N LEU A 179 -2.46 17.64 -9.18
CA LEU A 179 -2.42 17.98 -7.76
C LEU A 179 -1.45 19.12 -7.47
N THR A 180 -0.23 18.97 -7.96
CA THR A 180 0.84 19.92 -7.67
C THR A 180 0.72 21.21 -8.47
N GLY A 181 0.46 21.07 -9.77
CA GLY A 181 0.29 22.23 -10.63
C GLY A 181 1.54 22.66 -11.36
N TYR A 182 2.58 21.83 -11.28
CA TYR A 182 3.84 22.11 -11.97
C TYR A 182 3.65 22.09 -13.47
N ASP A 183 4.50 22.83 -14.18
CA ASP A 183 4.42 22.90 -15.63
C ASP A 183 4.85 21.58 -16.27
N ARG A 184 5.73 20.85 -15.60
N ARG A 184 5.72 20.85 -15.60
CA ARG A 184 6.22 19.58 -16.12
CA ARG A 184 6.21 19.58 -16.13
C ARG A 184 6.28 18.53 -15.02
C ARG A 184 6.33 18.51 -15.05
N VAL A 185 5.80 17.33 -15.32
CA VAL A 185 5.85 16.21 -14.38
C VAL A 185 6.20 14.94 -15.16
N MET A 186 7.14 14.14 -14.64
CA MET A 186 7.57 12.96 -15.37
C MET A 186 8.10 11.83 -14.50
N VAL A 187 8.02 10.60 -15.02
CA VAL A 187 8.56 9.43 -14.36
C VAL A 187 9.92 9.06 -14.95
N TYR A 188 10.94 9.08 -14.10
CA TYR A 188 12.32 8.84 -14.49
C TYR A 188 12.77 7.46 -14.02
N LYS A 189 12.78 6.50 -14.94
CA LYS A 189 13.12 5.11 -14.62
C LYS A 189 14.62 4.84 -14.63
N PHE A 190 15.11 4.18 -13.59
CA PHE A 190 16.51 3.77 -13.54
C PHE A 190 16.71 2.40 -14.18
N HIS A 191 17.51 2.36 -15.24
CA HIS A 191 17.78 1.11 -15.95
C HIS A 191 18.77 0.24 -15.18
N GLU A 192 19.14 -0.88 -15.79
CA GLU A 192 20.02 -1.86 -15.16
C GLU A 192 21.42 -1.30 -14.91
N ASP A 193 21.90 -0.49 -15.85
CA ASP A 193 23.24 0.10 -15.75
C ASP A 193 23.18 1.49 -15.12
N GLU A 194 22.20 1.69 -14.26
CA GLU A 194 22.06 2.91 -13.45
C GLU A 194 21.82 4.19 -14.26
N HIS A 195 21.76 4.07 -15.58
CA HIS A 195 21.43 5.21 -16.41
C HIS A 195 19.91 5.33 -16.50
N GLY A 196 19.40 6.56 -16.43
CA GLY A 196 17.97 6.77 -16.36
C GLY A 196 17.30 7.07 -17.69
N GLU A 197 15.97 7.12 -17.66
CA GLU A 197 15.18 7.40 -18.86
C GLU A 197 13.78 7.88 -18.49
N VAL A 198 13.40 9.04 -19.02
CA VAL A 198 12.06 9.54 -18.84
C VAL A 198 11.07 8.66 -19.60
N VAL A 199 10.37 7.79 -18.89
CA VAL A 199 9.52 6.80 -19.54
C VAL A 199 8.11 7.33 -19.78
N ALA A 200 7.72 8.35 -19.03
CA ALA A 200 6.41 8.96 -19.18
C ALA A 200 6.41 10.37 -18.59
N GLU A 201 5.71 11.29 -19.23
CA GLU A 201 5.63 12.65 -18.75
C GLU A 201 4.31 13.32 -19.08
N SER A 202 3.94 14.32 -18.29
CA SER A 202 2.78 15.15 -18.56
C SER A 202 3.20 16.61 -18.56
N LYS A 203 3.99 16.98 -19.56
CA LYS A 203 4.50 18.34 -19.68
C LYS A 203 3.40 19.33 -20.02
N ARG A 204 3.68 20.61 -19.85
CA ARG A 204 2.83 21.65 -20.40
C ARG A 204 2.98 21.59 -21.91
N ASP A 205 1.90 21.86 -22.64
CA ASP A 205 1.87 21.63 -24.08
C ASP A 205 2.96 22.40 -24.85
N ASP A 206 3.18 23.66 -24.49
CA ASP A 206 4.12 24.50 -25.22
C ASP A 206 5.57 24.19 -24.86
N LEU A 207 5.77 23.48 -23.75
CA LEU A 207 7.10 23.03 -23.36
C LEU A 207 7.54 21.86 -24.24
N GLU A 208 8.84 21.75 -24.47
CA GLU A 208 9.36 20.68 -25.32
C GLU A 208 9.47 19.37 -24.53
N PRO A 209 9.17 18.24 -25.19
CA PRO A 209 9.16 16.94 -24.51
C PRO A 209 10.53 16.44 -24.10
N TYR A 210 10.68 16.07 -22.84
CA TYR A 210 11.89 15.43 -22.34
C TYR A 210 11.72 13.92 -22.36
N ILE A 211 10.54 13.47 -22.80
CA ILE A 211 10.21 12.06 -22.81
C ILE A 211 11.07 11.31 -23.83
N GLY A 212 11.46 10.08 -23.48
CA GLY A 212 12.24 9.24 -24.36
C GLY A 212 13.74 9.47 -24.23
N LEU A 213 14.11 10.56 -23.57
CA LEU A 213 15.52 10.91 -23.40
C LEU A 213 16.24 9.96 -22.44
N HIS A 214 17.55 9.88 -22.60
CA HIS A 214 18.39 9.09 -21.71
C HIS A 214 19.43 9.98 -21.06
N TYR A 215 19.82 9.62 -19.83
CA TYR A 215 20.78 10.41 -19.09
C TYR A 215 21.83 9.51 -18.46
N PRO A 216 23.05 10.03 -18.25
CA PRO A 216 24.10 9.23 -17.62
C PRO A 216 23.79 8.93 -16.15
N ALA A 217 24.44 7.91 -15.60
CA ALA A 217 24.21 7.52 -14.21
C ALA A 217 24.78 8.55 -13.24
N THR A 218 25.70 9.37 -13.72
CA THR A 218 26.37 10.34 -12.87
C THR A 218 25.54 11.61 -12.68
N ASP A 219 24.41 11.69 -13.37
CA ASP A 219 23.48 12.80 -13.15
C ASP A 219 22.85 12.70 -11.78
N ILE A 220 22.55 11.47 -11.37
CA ILE A 220 22.03 11.21 -10.03
C ILE A 220 22.97 10.25 -9.30
N PRO A 221 23.82 10.81 -8.43
CA PRO A 221 24.81 10.02 -7.68
C PRO A 221 24.16 8.93 -6.83
N GLN A 222 24.93 7.91 -6.47
CA GLN A 222 24.44 6.83 -5.63
C GLN A 222 24.01 7.36 -4.26
N ALA A 223 24.69 8.40 -3.79
CA ALA A 223 24.35 9.01 -2.51
C ALA A 223 22.94 9.59 -2.54
N SER A 224 22.60 10.27 -3.62
CA SER A 224 21.28 10.87 -3.78
C SER A 224 20.20 9.80 -3.86
N ARG A 225 20.51 8.67 -4.49
CA ARG A 225 19.56 7.58 -4.62
C ARG A 225 19.34 6.88 -3.28
N PHE A 226 20.41 6.75 -2.50
CA PHE A 226 20.34 6.17 -1.16
C PHE A 226 19.52 7.05 -0.24
N LEU A 227 19.85 8.34 -0.20
CA LEU A 227 19.11 9.30 0.60
C LEU A 227 17.67 9.41 0.13
N PHE A 228 17.44 9.09 -1.15
CA PHE A 228 16.07 9.06 -1.67
C PHE A 228 15.36 7.78 -1.23
N LYS A 229 16.12 6.72 -0.99
CA LYS A 229 15.55 5.51 -0.42
C LYS A 229 15.14 5.80 1.03
N GLN A 230 15.94 6.59 1.73
CA GLN A 230 15.59 6.99 3.09
C GLN A 230 14.54 8.11 3.08
N ASN A 231 14.85 9.22 2.44
CA ASN A 231 13.92 10.35 2.36
C ASN A 231 13.24 10.40 0.99
N ARG A 232 11.93 10.17 0.97
CA ARG A 232 11.22 9.88 -0.27
C ARG A 232 10.54 11.07 -0.94
N VAL A 233 10.78 12.28 -0.42
CA VAL A 233 10.19 13.48 -1.02
C VAL A 233 11.06 14.70 -0.81
N ARG A 234 11.48 15.33 -1.90
CA ARG A 234 12.38 16.46 -1.85
C ARG A 234 11.88 17.64 -2.68
N MET A 235 11.70 18.80 -2.04
CA MET A 235 11.20 19.98 -2.74
C MET A 235 12.26 21.07 -2.82
N ILE A 236 12.39 21.67 -4.00
CA ILE A 236 13.29 22.79 -4.22
C ILE A 236 12.52 23.96 -4.81
N VAL A 237 12.45 25.07 -4.08
CA VAL A 237 11.60 26.19 -4.49
C VAL A 237 12.23 27.05 -5.58
N ASP A 238 13.55 27.18 -5.56
CA ASP A 238 14.24 28.05 -6.50
C ASP A 238 15.74 27.78 -6.51
N CYS A 239 16.25 27.34 -7.67
CA CYS A 239 17.67 27.01 -7.78
C CYS A 239 18.55 28.26 -7.79
N ASN A 240 18.01 29.35 -8.32
CA ASN A 240 18.76 30.61 -8.42
C ASN A 240 18.80 31.36 -7.10
N ALA A 241 17.98 30.93 -6.14
CA ALA A 241 17.93 31.57 -4.83
C ALA A 241 19.19 31.28 -4.04
N THR A 242 19.74 32.32 -3.42
CA THR A 242 20.99 32.19 -2.65
C THR A 242 20.78 31.37 -1.39
N PRO A 243 21.53 30.28 -1.25
CA PRO A 243 21.48 29.40 -0.08
C PRO A 243 21.82 30.13 1.21
N VAL A 244 21.27 29.66 2.33
CA VAL A 244 21.50 30.31 3.63
C VAL A 244 22.33 29.43 4.54
N LEU A 245 23.44 29.98 5.03
CA LEU A 245 24.32 29.27 5.95
C LEU A 245 23.66 29.13 7.32
N VAL A 246 23.62 27.90 7.83
CA VAL A 246 23.10 27.66 9.16
C VAL A 246 24.25 27.52 10.15
N VAL A 247 24.32 28.47 11.08
CA VAL A 247 25.38 28.46 12.08
C VAL A 247 24.98 27.59 13.28
N GLN A 248 25.91 26.72 13.70
CA GLN A 248 25.66 25.82 14.81
C GLN A 248 26.58 26.16 15.99
N ASP A 249 26.23 25.65 17.16
CA ASP A 249 27.02 25.90 18.36
C ASP A 249 28.41 25.29 18.23
N ASP A 250 29.41 25.98 18.77
CA ASP A 250 30.80 25.59 18.60
C ASP A 250 31.13 24.29 19.32
N ARG A 251 30.22 23.83 20.18
CA ARG A 251 30.46 22.63 20.98
C ARG A 251 30.20 21.35 20.19
N LEU A 252 29.46 21.46 19.09
CA LEU A 252 29.15 20.29 18.27
C LEU A 252 30.39 19.77 17.56
N THR A 253 30.55 18.45 17.56
CA THR A 253 31.72 17.81 16.95
C THR A 253 31.74 17.99 15.44
N GLN A 254 30.60 17.78 14.81
CA GLN A 254 30.51 17.89 13.36
C GLN A 254 29.29 18.68 12.93
N SER A 255 29.26 19.08 11.66
CA SER A 255 28.12 19.81 11.11
C SER A 255 26.87 18.96 11.17
N MET A 256 25.74 19.59 11.47
CA MET A 256 24.49 18.87 11.73
C MET A 256 24.00 18.06 10.55
N CYS A 257 23.17 17.07 10.84
CA CYS A 257 22.62 16.18 9.83
C CYS A 257 21.31 16.74 9.27
N LEU A 258 21.40 17.53 8.21
CA LEU A 258 20.23 18.21 7.66
C LEU A 258 19.55 17.40 6.56
N VAL A 259 19.65 16.07 6.63
CA VAL A 259 19.02 15.21 5.64
C VAL A 259 17.50 15.26 5.75
N GLY A 260 16.99 15.09 6.97
CA GLY A 260 15.56 15.08 7.20
C GLY A 260 14.93 16.44 7.04
N SER A 261 15.76 17.48 7.05
CA SER A 261 15.28 18.85 6.89
C SER A 261 14.65 19.05 5.52
N THR A 262 13.45 19.63 5.50
CA THR A 262 12.74 19.89 4.25
C THR A 262 13.22 21.18 3.61
N LEU A 263 14.20 21.82 4.24
CA LEU A 263 14.73 23.08 3.76
C LEU A 263 16.17 22.94 3.27
N ARG A 264 16.64 21.70 3.17
CA ARG A 264 18.02 21.43 2.79
C ARG A 264 18.33 22.01 1.40
N ALA A 265 19.33 22.86 1.34
CA ALA A 265 19.76 23.45 0.07
C ALA A 265 20.41 22.38 -0.80
N PRO A 266 20.06 22.38 -2.11
CA PRO A 266 20.64 21.42 -3.04
C PRO A 266 22.12 21.66 -3.26
N HIS A 267 22.86 20.61 -3.60
CA HIS A 267 24.28 20.71 -3.90
C HIS A 267 24.48 21.68 -5.06
N GLY A 268 25.62 22.35 -5.08
CA GLY A 268 25.93 23.34 -6.10
C GLY A 268 25.81 22.79 -7.50
N CYS A 269 26.31 21.59 -7.70
CA CYS A 269 26.28 20.95 -9.02
C CYS A 269 24.85 20.74 -9.50
N HIS A 270 23.96 20.34 -8.59
CA HIS A 270 22.57 20.11 -8.96
C HIS A 270 21.81 21.42 -9.08
N SER A 271 22.26 22.44 -8.37
CA SER A 271 21.67 23.77 -8.47
C SER A 271 21.94 24.32 -9.88
N GLN A 272 23.20 24.24 -10.29
CA GLN A 272 23.57 24.67 -11.63
C GLN A 272 22.97 23.75 -12.69
N TYR A 273 22.75 22.49 -12.31
CA TYR A 273 22.10 21.50 -13.17
C TYR A 273 20.68 21.96 -13.49
N MET A 274 19.91 22.23 -12.45
CA MET A 274 18.54 22.72 -12.59
C MET A 274 18.53 24.05 -13.33
N ALA A 275 19.54 24.88 -13.07
CA ALA A 275 19.64 26.17 -13.73
C ALA A 275 19.80 26.01 -15.24
N ASN A 276 20.66 25.08 -15.64
CA ASN A 276 20.94 24.84 -17.06
C ASN A 276 19.83 24.08 -17.75
N MET A 277 19.06 23.31 -16.99
CA MET A 277 18.00 22.50 -17.58
C MET A 277 16.73 23.31 -17.77
N GLY A 278 16.65 24.45 -17.09
CA GLY A 278 15.50 25.32 -17.20
C GLY A 278 14.47 25.07 -16.11
N SER A 279 14.84 24.23 -15.14
CA SER A 279 13.95 23.92 -14.03
C SER A 279 14.29 24.74 -12.80
N ILE A 280 13.64 25.89 -12.66
CA ILE A 280 13.86 26.75 -11.50
C ILE A 280 13.38 26.08 -10.22
N ALA A 281 12.18 25.51 -10.26
CA ALA A 281 11.62 24.80 -9.12
C ALA A 281 11.52 23.31 -9.39
N SER A 282 12.07 22.51 -8.48
CA SER A 282 12.06 21.06 -8.63
C SER A 282 11.28 20.39 -7.50
N LEU A 283 10.91 19.13 -7.74
CA LEU A 283 10.25 18.30 -6.74
C LEU A 283 10.37 16.83 -7.11
N ALA A 284 11.21 16.11 -6.40
CA ALA A 284 11.46 14.71 -6.72
C ALA A 284 10.93 13.76 -5.64
N MET A 285 10.18 12.75 -6.08
CA MET A 285 9.64 11.75 -5.18
C MET A 285 10.16 10.37 -5.57
N ALA A 286 10.33 9.49 -4.58
CA ALA A 286 10.93 8.19 -4.82
C ALA A 286 9.91 7.15 -5.28
N VAL A 287 10.33 6.26 -6.16
CA VAL A 287 9.52 5.10 -6.55
C VAL A 287 10.17 3.84 -6.02
N ILE A 288 9.58 3.24 -4.98
CA ILE A 288 10.20 2.13 -4.28
C ILE A 288 9.51 0.79 -4.53
N ILE A 289 10.32 -0.20 -4.89
CA ILE A 289 9.87 -1.58 -5.00
C ILE A 289 10.77 -2.46 -4.11
N ASN A 290 10.81 -3.75 -4.38
CA ASN A 290 11.70 -4.65 -3.63
C ASN A 290 12.35 -5.70 -4.53
N GLY A 291 13.52 -6.17 -4.11
CA GLY A 291 14.25 -7.17 -4.87
C GLY A 291 14.74 -8.31 -4.00
N SER A 305 14.69 -4.79 2.50
CA SER A 305 15.22 -5.06 1.17
C SER A 305 14.48 -4.26 0.11
N MET A 306 14.54 -2.95 0.21
CA MET A 306 13.87 -2.07 -0.75
C MET A 306 14.81 -1.66 -1.88
N ARG A 307 14.22 -1.28 -3.01
CA ARG A 307 15.00 -0.84 -4.18
C ARG A 307 14.36 0.37 -4.84
N LEU A 308 15.18 1.36 -5.17
CA LEU A 308 14.71 2.56 -5.86
C LEU A 308 14.62 2.31 -7.37
N TRP A 309 13.42 2.04 -7.84
CA TRP A 309 13.20 1.75 -9.25
C TRP A 309 13.34 2.98 -10.11
N GLY A 310 12.80 4.09 -9.64
CA GLY A 310 12.86 5.34 -10.35
C GLY A 310 12.42 6.51 -9.49
N LEU A 311 12.24 7.66 -10.12
CA LEU A 311 11.74 8.85 -9.43
C LEU A 311 10.56 9.41 -10.19
N VAL A 312 9.85 10.35 -9.57
CA VAL A 312 8.85 11.13 -10.29
C VAL A 312 9.17 12.59 -10.08
N VAL A 313 9.90 13.17 -11.04
CA VAL A 313 10.39 14.53 -10.89
C VAL A 313 9.43 15.55 -11.49
N CYS A 314 9.42 16.73 -10.88
CA CYS A 314 8.52 17.80 -11.27
C CYS A 314 9.29 19.10 -11.47
N HIS A 315 9.24 19.62 -12.70
CA HIS A 315 9.93 20.86 -13.01
C HIS A 315 8.95 21.99 -13.28
N HIS A 316 9.25 23.16 -12.73
CA HIS A 316 8.43 24.34 -12.98
C HIS A 316 9.26 25.42 -13.66
N THR A 317 8.67 26.08 -14.64
CA THR A 317 9.36 27.14 -15.39
C THR A 317 9.76 28.29 -14.47
N SER A 318 8.90 28.58 -13.50
CA SER A 318 9.19 29.60 -12.50
C SER A 318 9.34 28.96 -11.13
N SER A 319 9.50 29.79 -10.10
CA SER A 319 9.65 29.28 -8.74
C SER A 319 8.30 29.16 -8.06
N ARG A 320 8.10 28.05 -7.34
CA ARG A 320 6.87 27.87 -6.58
C ARG A 320 7.06 26.93 -5.40
N CYS A 321 6.30 27.17 -4.34
CA CYS A 321 6.36 26.37 -3.13
C CYS A 321 5.00 25.80 -2.79
N ILE A 322 4.93 24.48 -2.66
CA ILE A 322 3.70 23.84 -2.23
C ILE A 322 3.78 23.49 -0.75
N PRO A 323 2.66 23.68 -0.02
CA PRO A 323 2.61 23.46 1.43
C PRO A 323 2.90 22.00 1.82
N PHE A 324 3.15 21.78 3.10
CA PHE A 324 3.45 20.45 3.63
C PHE A 324 2.34 19.40 3.43
N PRO A 325 1.06 19.74 3.68
CA PRO A 325 0.01 18.73 3.48
C PRO A 325 -0.01 18.16 2.07
N LEU A 326 0.16 19.02 1.07
CA LEU A 326 0.18 18.57 -0.32
C LEU A 326 1.35 17.63 -0.57
N ARG A 327 2.49 17.95 0.04
CA ARG A 327 3.69 17.15 -0.12
C ARG A 327 3.53 15.75 0.50
N TYR A 328 2.99 15.70 1.71
CA TYR A 328 2.76 14.43 2.37
C TYR A 328 1.72 13.60 1.59
N ALA A 329 0.70 14.30 1.10
CA ALA A 329 -0.32 13.69 0.26
C ALA A 329 0.33 13.00 -0.95
N CYS A 330 1.21 13.74 -1.61
CA CYS A 330 1.96 13.22 -2.76
C CYS A 330 2.84 12.05 -2.35
N GLU A 331 3.36 12.08 -1.13
CA GLU A 331 4.19 10.98 -0.64
C GLU A 331 3.34 9.71 -0.49
N PHE A 332 2.11 9.89 -0.03
CA PHE A 332 1.17 8.78 0.12
C PHE A 332 0.81 8.21 -1.25
N LEU A 333 0.44 9.09 -2.17
CA LEU A 333 0.12 8.70 -3.53
C LEU A 333 1.29 7.94 -4.18
N MET A 334 2.50 8.40 -3.91
CA MET A 334 3.70 7.76 -4.45
C MET A 334 3.98 6.44 -3.77
N GLN A 335 3.54 6.30 -2.53
CA GLN A 335 3.65 5.03 -1.82
C GLN A 335 2.74 4.00 -2.49
N ALA A 336 1.51 4.40 -2.74
CA ALA A 336 0.55 3.56 -3.44
C ALA A 336 1.08 3.17 -4.82
N PHE A 337 1.62 4.16 -5.53
CA PHE A 337 2.21 3.96 -6.85
C PHE A 337 3.34 2.94 -6.79
N GLY A 338 4.20 3.07 -5.79
CA GLY A 338 5.30 2.15 -5.60
C GLY A 338 4.83 0.72 -5.37
N LEU A 339 3.84 0.58 -4.47
CA LEU A 339 3.27 -0.73 -4.19
C LEU A 339 2.68 -1.39 -5.43
N GLN A 340 1.77 -0.68 -6.09
CA GLN A 340 1.09 -1.22 -7.26
C GLN A 340 2.07 -1.56 -8.38
N LEU A 341 3.05 -0.68 -8.59
CA LEU A 341 4.06 -0.92 -9.61
C LEU A 341 4.88 -2.18 -9.26
N ASN A 342 5.23 -2.31 -7.99
CA ASN A 342 5.94 -3.51 -7.52
C ASN A 342 5.14 -4.78 -7.84
N MET A 343 3.85 -4.74 -7.50
CA MET A 343 2.95 -5.84 -7.82
C MET A 343 2.99 -6.18 -9.30
N GLU A 344 2.79 -5.17 -10.14
CA GLU A 344 2.79 -5.35 -11.59
C GLU A 344 4.09 -6.01 -12.07
N LEU A 345 5.22 -5.52 -11.56
CA LEU A 345 6.52 -6.07 -11.95
C LEU A 345 6.66 -7.53 -11.56
N GLN A 346 6.41 -7.84 -10.28
CA GLN A 346 6.49 -9.21 -9.80
C GLN A 346 5.63 -10.16 -10.62
N LEU A 347 4.35 -9.81 -10.72
CA LEU A 347 3.38 -10.64 -11.43
C LEU A 347 3.77 -10.83 -12.90
N ALA A 348 4.20 -9.75 -13.56
CA ALA A 348 4.59 -9.82 -14.96
C ALA A 348 5.81 -10.72 -15.15
N LEU A 349 6.76 -10.62 -14.23
CA LEU A 349 7.97 -11.44 -14.29
C LEU A 349 7.66 -12.92 -14.13
N GLN A 350 7.00 -13.26 -13.02
CA GLN A 350 6.67 -14.66 -12.75
C GLN A 350 5.76 -15.25 -13.83
N MET A 351 4.84 -14.43 -14.34
CA MET A 351 3.96 -14.86 -15.42
C MET A 351 4.76 -15.09 -16.70
N SER A 352 5.78 -14.27 -16.93
CA SER A 352 6.64 -14.42 -18.10
C SER A 352 7.42 -15.73 -18.04
N GLU A 353 8.05 -15.98 -16.89
CA GLU A 353 8.79 -17.23 -16.70
C GLU A 353 7.85 -18.44 -16.85
N LYS A 354 6.67 -18.32 -16.25
CA LYS A 354 5.64 -19.36 -16.37
C LYS A 354 5.26 -19.62 -17.82
N ARG A 355 5.17 -18.55 -18.60
CA ARG A 355 4.84 -18.66 -20.02
C ARG A 355 5.97 -19.34 -20.80
N VAL A 356 7.21 -19.05 -20.40
CA VAL A 356 8.35 -19.71 -21.02
C VAL A 356 8.30 -21.21 -20.75
N LEU A 357 8.19 -21.59 -19.48
CA LEU A 357 8.17 -22.99 -19.11
C LEU A 357 6.94 -23.74 -19.63
N ARG A 358 5.86 -23.00 -19.87
CA ARG A 358 4.64 -23.60 -20.41
C ARG A 358 4.76 -23.82 -21.92
N THR A 359 5.33 -22.83 -22.61
CA THR A 359 5.54 -22.92 -24.05
C THR A 359 6.64 -23.91 -24.38
N GLN A 360 7.48 -24.22 -23.39
CA GLN A 360 8.51 -25.24 -23.56
C GLN A 360 7.87 -26.61 -23.86
N THR A 361 6.84 -26.95 -23.09
CA THR A 361 6.09 -28.18 -23.30
C THR A 361 4.59 -27.94 -23.25
N SER A 381 4.36 -24.67 -29.91
CA SER A 381 4.89 -23.46 -30.54
C SER A 381 6.36 -23.25 -30.20
N ILE A 382 7.23 -23.69 -31.10
CA ILE A 382 8.67 -23.62 -30.89
C ILE A 382 9.20 -22.19 -31.02
N MET A 383 8.66 -21.46 -31.99
CA MET A 383 9.15 -20.11 -32.29
C MET A 383 8.95 -19.13 -31.14
N ASP A 384 7.92 -19.36 -30.33
CA ASP A 384 7.63 -18.49 -29.20
C ASP A 384 8.21 -19.04 -27.90
N LEU A 385 9.40 -19.64 -27.99
CA LEU A 385 10.08 -20.17 -26.81
C LEU A 385 10.90 -19.09 -26.13
N VAL A 386 11.97 -18.68 -26.79
CA VAL A 386 12.86 -17.64 -26.25
C VAL A 386 12.60 -16.32 -26.96
N LYS A 387 13.31 -15.26 -26.54
CA LYS A 387 13.15 -13.95 -27.14
C LYS A 387 13.93 -13.81 -28.44
N CYS A 388 14.64 -14.88 -28.80
CA CYS A 388 15.45 -14.89 -30.02
C CYS A 388 14.58 -14.77 -31.26
N ASP A 389 15.07 -14.06 -32.26
CA ASP A 389 14.34 -13.87 -33.51
C ASP A 389 14.58 -15.03 -34.47
N GLY A 390 15.76 -15.62 -34.41
CA GLY A 390 16.11 -16.72 -35.28
C GLY A 390 16.40 -18.01 -34.53
N ALA A 391 15.89 -19.12 -35.06
CA ALA A 391 16.11 -20.42 -34.46
C ALA A 391 16.42 -21.47 -35.53
N ALA A 392 17.67 -21.93 -35.54
CA ALA A 392 18.11 -22.92 -36.52
C ALA A 392 17.83 -24.34 -36.01
N LEU A 402 14.51 -21.28 -40.19
CA LEU A 402 13.18 -20.91 -39.73
C LEU A 402 13.24 -19.72 -38.77
N GLY A 403 12.41 -18.73 -39.03
CA GLY A 403 12.42 -17.50 -38.25
C GLY A 403 13.33 -16.47 -38.91
N VAL A 404 13.71 -15.45 -38.15
CA VAL A 404 14.62 -14.43 -38.67
C VAL A 404 16.03 -15.01 -38.80
N ALA A 405 16.26 -15.73 -39.88
CA ALA A 405 17.54 -16.39 -40.14
C ALA A 405 17.72 -16.66 -41.62
N PRO A 406 18.94 -16.46 -42.14
CA PRO A 406 19.27 -16.66 -43.56
C PRO A 406 19.13 -18.11 -44.03
N SER A 407 19.53 -18.38 -45.26
CA SER A 407 19.44 -19.71 -45.85
C SER A 407 20.51 -20.65 -45.29
N GLU A 408 20.75 -21.74 -45.99
CA GLU A 408 21.69 -22.76 -45.52
C GLU A 408 23.14 -22.39 -45.83
N VAL A 409 23.34 -21.30 -46.56
CA VAL A 409 24.68 -20.84 -46.91
C VAL A 409 25.42 -20.32 -45.68
N GLN A 410 24.86 -19.29 -45.06
CA GLN A 410 25.43 -18.72 -43.84
C GLN A 410 25.47 -19.75 -42.74
N ILE A 411 24.51 -20.67 -42.74
CA ILE A 411 24.49 -21.77 -41.79
C ILE A 411 25.72 -22.66 -42.00
N LYS A 412 25.99 -23.00 -43.26
CA LYS A 412 27.15 -23.82 -43.60
C LYS A 412 28.45 -23.12 -43.22
N ASP A 413 28.53 -21.82 -43.45
CA ASP A 413 29.75 -21.06 -43.14
C ASP A 413 29.97 -20.99 -41.63
N VAL A 414 28.93 -20.64 -40.90
CA VAL A 414 28.99 -20.56 -39.44
C VAL A 414 29.36 -21.90 -38.82
N VAL A 415 28.69 -22.96 -39.26
CA VAL A 415 29.00 -24.31 -38.81
C VAL A 415 30.45 -24.66 -39.12
N GLU A 416 30.91 -24.25 -40.30
CA GLU A 416 32.30 -24.45 -40.69
C GLU A 416 33.25 -23.76 -39.71
N TRP A 417 32.90 -22.57 -39.27
CA TRP A 417 33.75 -21.83 -38.35
C TRP A 417 33.71 -22.38 -36.92
N LEU A 418 32.56 -22.91 -36.52
CA LEU A 418 32.35 -23.37 -35.15
C LEU A 418 33.30 -24.49 -34.73
N LEU A 419 33.69 -25.31 -35.69
CA LEU A 419 34.60 -26.42 -35.41
C LEU A 419 36.02 -25.91 -35.12
N GLY A 427 29.83 -24.72 -24.71
CA GLY A 427 29.00 -23.57 -24.41
C GLY A 427 29.55 -22.30 -25.02
N LEU A 428 28.79 -21.71 -25.94
CA LEU A 428 29.21 -20.48 -26.60
C LEU A 428 28.02 -19.54 -26.80
N SER A 429 28.27 -18.24 -26.68
CA SER A 429 27.23 -17.23 -26.87
C SER A 429 27.85 -15.84 -26.98
N THR A 430 27.41 -15.07 -27.97
CA THR A 430 27.90 -13.70 -28.12
C THR A 430 26.79 -12.74 -28.53
N ASP A 431 26.98 -11.46 -28.22
CA ASP A 431 25.99 -10.43 -28.51
C ASP A 431 26.41 -9.59 -29.71
N SER A 432 27.62 -9.82 -30.21
CA SER A 432 28.13 -9.08 -31.36
C SER A 432 28.93 -9.99 -32.27
N LEU A 433 28.27 -10.57 -33.27
CA LEU A 433 28.93 -11.46 -34.21
C LEU A 433 29.83 -10.69 -35.17
N TYR A 438 34.52 -13.17 -35.69
CA TYR A 438 33.92 -13.68 -36.92
C TYR A 438 33.30 -12.54 -37.73
N PRO A 439 34.13 -11.80 -38.46
CA PRO A 439 33.72 -10.61 -39.21
C PRO A 439 33.09 -10.92 -40.55
N GLY A 440 33.41 -12.09 -41.11
CA GLY A 440 33.01 -12.44 -42.46
C GLY A 440 31.52 -12.46 -42.72
N ALA A 441 30.83 -13.44 -42.15
CA ALA A 441 29.41 -13.64 -42.40
C ALA A 441 28.53 -12.78 -41.49
N ALA A 442 29.15 -11.91 -40.70
CA ALA A 442 28.41 -11.03 -39.82
C ALA A 442 27.92 -9.79 -40.57
N ALA A 443 28.39 -9.62 -41.79
CA ALA A 443 28.01 -8.48 -42.62
C ALA A 443 26.99 -8.89 -43.67
N LEU A 444 26.44 -10.10 -43.52
CA LEU A 444 25.46 -10.61 -44.47
C LEU A 444 24.07 -10.04 -44.17
N GLY A 445 23.84 -9.70 -42.91
CA GLY A 445 22.57 -9.14 -42.49
C GLY A 445 22.66 -8.42 -41.15
N ASP A 446 21.91 -7.33 -41.02
CA ASP A 446 21.90 -6.55 -39.79
C ASP A 446 21.18 -7.29 -38.68
N ALA A 447 20.37 -8.27 -39.05
CA ALA A 447 19.64 -9.08 -38.08
C ALA A 447 20.59 -9.98 -37.30
N VAL A 448 21.33 -10.82 -38.01
CA VAL A 448 22.25 -11.75 -37.39
C VAL A 448 23.40 -11.01 -36.71
N CYS A 449 23.29 -10.83 -35.39
CA CYS A 449 24.33 -10.20 -34.60
C CYS A 449 24.59 -10.98 -33.32
N GLY A 450 23.53 -11.60 -32.80
CA GLY A 450 23.65 -12.41 -31.60
C GLY A 450 23.65 -13.89 -31.92
N MET A 451 24.57 -14.62 -31.30
CA MET A 451 24.67 -16.05 -31.56
C MET A 451 24.63 -16.88 -30.27
N ALA A 452 23.99 -18.04 -30.35
CA ALA A 452 23.97 -18.98 -29.24
C ALA A 452 24.25 -20.39 -29.74
N VAL A 453 25.40 -20.93 -29.32
CA VAL A 453 25.85 -22.25 -29.72
C VAL A 453 26.03 -23.17 -28.52
N ALA A 454 25.58 -24.42 -28.65
CA ALA A 454 25.73 -25.40 -27.59
C ALA A 454 25.74 -26.81 -28.15
N PHE A 461 22.58 -30.53 -32.28
CA PHE A 461 23.38 -29.32 -32.43
C PHE A 461 22.54 -28.18 -33.00
N LEU A 462 22.09 -27.28 -32.13
CA LEU A 462 21.23 -26.18 -32.54
C LEU A 462 21.92 -24.83 -32.42
N PHE A 463 21.55 -23.92 -33.31
CA PHE A 463 22.12 -22.58 -33.33
C PHE A 463 21.00 -21.54 -33.15
N TRP A 464 21.26 -20.51 -32.35
CA TRP A 464 20.25 -19.47 -32.15
C TRP A 464 20.71 -18.10 -32.62
N PHE A 465 19.95 -17.53 -33.55
CA PHE A 465 20.18 -16.18 -34.05
C PHE A 465 19.38 -15.17 -33.24
N ARG A 466 19.97 -14.00 -32.97
CA ARG A 466 19.26 -12.94 -32.28
C ARG A 466 19.51 -11.58 -32.93
N SER A 467 18.44 -10.84 -33.18
CA SER A 467 18.52 -9.54 -33.82
C SER A 467 19.24 -8.51 -32.96
N HIS A 468 19.78 -7.48 -33.60
CA HIS A 468 20.51 -6.44 -32.90
C HIS A 468 19.57 -5.46 -32.20
N THR A 469 20.10 -4.75 -31.21
CA THR A 469 19.32 -3.80 -30.43
C THR A 469 18.93 -2.57 -31.25
N ALA A 470 18.23 -1.64 -30.60
CA ALA A 470 17.93 -0.36 -31.22
C ALA A 470 19.23 0.40 -31.49
N LYS A 471 19.51 0.67 -32.76
CA LYS A 471 20.79 1.25 -33.15
C LYS A 471 20.83 2.76 -32.88
N GLU A 472 19.79 3.30 -32.26
CA GLU A 472 19.76 4.72 -31.94
C GLU A 472 19.31 4.98 -30.50
N ILE A 473 20.08 5.78 -29.78
CA ILE A 473 19.73 6.18 -28.42
C ILE A 473 19.80 7.70 -28.29
N LYS A 474 18.66 8.33 -28.01
CA LYS A 474 18.61 9.78 -27.90
C LYS A 474 18.93 10.26 -26.48
N TRP A 475 20.21 10.57 -26.25
CA TRP A 475 20.66 11.06 -24.95
C TRP A 475 20.32 12.53 -24.77
N GLY A 476 20.41 12.99 -23.52
CA GLY A 476 20.11 14.37 -23.20
C GLY A 476 21.36 15.17 -22.87
N GLY A 477 22.27 15.28 -23.83
CA GLY A 477 23.46 16.09 -23.65
C GLY A 477 24.74 15.30 -23.41
N ALA A 478 24.59 14.11 -22.82
CA ALA A 478 25.76 13.30 -22.48
C ALA A 478 25.47 11.81 -22.59
N LYS A 479 26.52 11.03 -22.79
CA LYS A 479 26.43 9.57 -22.87
C LYS A 479 26.84 8.94 -21.54
N HIS A 480 26.16 7.86 -21.16
CA HIS A 480 26.55 7.12 -19.96
C HIS A 480 27.75 6.22 -20.22
N HIS A 481 28.90 6.61 -19.68
CA HIS A 481 30.10 5.80 -19.77
C HIS A 481 30.16 4.85 -18.58
N PRO A 482 30.15 3.53 -18.85
CA PRO A 482 30.11 2.51 -17.81
C PRO A 482 31.30 2.56 -16.86
N GLU A 483 32.46 3.02 -17.35
CA GLU A 483 33.65 3.11 -16.52
C GLU A 483 33.75 4.46 -15.82
N ASP A 484 32.75 5.32 -16.05
CA ASP A 484 32.72 6.63 -15.43
C ASP A 484 32.00 6.57 -14.08
N LYS A 485 32.65 7.07 -13.04
CA LYS A 485 32.10 7.02 -11.69
C LYS A 485 31.89 8.41 -11.11
N ASP A 486 31.56 8.47 -9.82
CA ASP A 486 31.32 9.73 -9.14
C ASP A 486 32.51 10.12 -8.26
N ASP A 487 32.72 11.43 -8.11
CA ASP A 487 33.77 11.93 -7.23
C ASP A 487 33.28 13.21 -6.53
N GLY A 488 33.48 13.26 -5.22
CA GLY A 488 32.97 14.34 -4.41
C GLY A 488 33.54 15.72 -4.72
N GLN A 489 34.70 15.75 -5.35
CA GLN A 489 35.37 17.02 -5.65
C GLN A 489 34.77 17.71 -6.86
N ARG A 490 34.19 16.93 -7.76
CA ARG A 490 33.55 17.49 -8.95
C ARG A 490 32.28 18.25 -8.57
N MET A 491 32.24 19.54 -8.90
CA MET A 491 31.11 20.39 -8.51
C MET A 491 30.61 21.29 -9.64
N HIS A 492 30.69 20.80 -10.88
CA HIS A 492 30.17 21.53 -12.03
C HIS A 492 29.57 20.59 -13.07
N PRO A 493 28.29 20.79 -13.38
CA PRO A 493 27.55 19.94 -14.33
C PRO A 493 27.88 20.26 -15.78
N ARG A 494 27.07 19.75 -16.71
CA ARG A 494 27.27 20.02 -18.13
C ARG A 494 26.56 21.31 -18.52
N SER A 495 26.83 21.78 -19.73
CA SER A 495 26.32 23.07 -20.18
C SER A 495 24.90 22.99 -20.77
N SER A 496 24.62 21.91 -21.47
CA SER A 496 23.33 21.76 -22.14
C SER A 496 22.82 20.33 -22.10
N PHE A 497 21.49 20.19 -22.07
CA PHE A 497 20.86 18.88 -22.07
C PHE A 497 20.09 18.66 -23.36
N GLN A 498 20.62 19.21 -24.44
CA GLN A 498 19.99 19.09 -25.75
C GLN A 498 20.02 17.65 -26.24
N ALA A 499 18.91 17.19 -26.78
CA ALA A 499 18.77 15.82 -27.25
C ALA A 499 19.70 15.53 -28.42
N PHE A 500 20.61 14.57 -28.23
CA PHE A 500 21.47 14.15 -29.34
C PHE A 500 21.43 12.63 -29.49
N LEU A 501 21.33 12.18 -30.73
CA LEU A 501 21.24 10.75 -31.03
C LEU A 501 22.62 10.09 -30.95
N GLU A 502 22.61 8.78 -30.71
CA GLU A 502 23.86 8.02 -30.69
C GLU A 502 23.66 6.64 -31.33
N VAL A 503 24.59 6.26 -32.20
CA VAL A 503 24.58 4.93 -32.78
C VAL A 503 25.49 3.99 -31.99
N VAL A 504 24.88 3.14 -31.18
CA VAL A 504 25.62 2.16 -30.40
C VAL A 504 26.23 1.12 -31.35
N LYS A 505 27.27 0.43 -30.90
CA LYS A 505 27.91 -0.61 -31.70
C LYS A 505 26.90 -1.68 -32.09
N SER A 506 27.09 -2.26 -33.27
CA SER A 506 26.18 -3.30 -33.76
C SER A 506 26.18 -4.50 -32.84
N ARG A 507 25.29 -4.48 -31.86
CA ARG A 507 25.18 -5.57 -30.89
C ARG A 507 23.75 -6.04 -30.72
N SER A 508 23.58 -7.32 -30.41
CA SER A 508 22.26 -7.87 -30.11
C SER A 508 21.96 -7.65 -28.64
N GLN A 509 20.74 -7.96 -28.24
CA GLN A 509 20.34 -7.84 -26.85
C GLN A 509 21.11 -8.85 -26.01
N PRO A 510 21.74 -8.39 -24.92
CA PRO A 510 22.62 -9.20 -24.06
C PRO A 510 21.95 -10.49 -23.58
N TRP A 511 22.55 -11.62 -23.92
CA TRP A 511 22.01 -12.92 -23.54
C TRP A 511 21.98 -13.11 -22.04
N GLU A 512 20.79 -13.42 -21.51
CA GLU A 512 20.62 -13.64 -20.09
C GLU A 512 21.22 -14.98 -19.68
N THR A 513 21.54 -15.13 -18.39
CA THR A 513 22.16 -16.34 -17.88
C THR A 513 21.16 -17.50 -17.80
N ALA A 514 19.95 -17.19 -17.37
CA ALA A 514 18.89 -18.20 -17.27
C ALA A 514 18.58 -18.81 -18.63
N GLU A 515 18.68 -17.98 -19.66
CA GLU A 515 18.50 -18.45 -21.04
C GLU A 515 19.54 -19.51 -21.38
N MET A 516 20.79 -19.24 -21.03
CA MET A 516 21.89 -20.17 -21.28
C MET A 516 21.73 -21.46 -20.47
N ASP A 517 21.26 -21.32 -19.24
CA ASP A 517 21.00 -22.49 -18.39
C ASP A 517 19.92 -23.36 -19.03
N ALA A 518 18.87 -22.71 -19.54
CA ALA A 518 17.80 -23.41 -20.23
C ALA A 518 18.33 -24.07 -21.50
N ILE A 519 19.32 -23.45 -22.13
CA ILE A 519 19.96 -24.01 -23.31
C ILE A 519 20.73 -25.27 -22.95
N HIS A 520 21.39 -25.26 -21.80
CA HIS A 520 22.10 -26.44 -21.31
C HIS A 520 21.13 -27.58 -21.00
N SER A 521 20.08 -27.27 -20.24
CA SER A 521 19.07 -28.26 -19.89
C SER A 521 18.45 -28.87 -21.13
N LEU A 522 18.05 -28.03 -22.07
CA LEU A 522 17.46 -28.47 -23.33
C LEU A 522 18.47 -29.31 -24.12
N GLN A 523 19.75 -28.97 -24.00
CA GLN A 523 20.80 -29.73 -24.68
C GLN A 523 20.87 -31.14 -24.11
N LEU A 524 20.82 -31.26 -22.78
CA LEU A 524 20.80 -32.58 -22.15
C LEU A 524 19.57 -33.37 -22.58
N ILE A 525 18.43 -32.68 -22.60
CA ILE A 525 17.17 -33.26 -23.04
C ILE A 525 17.27 -33.85 -24.45
N LEU A 526 17.84 -33.08 -25.37
CA LEU A 526 18.00 -33.53 -26.75
C LEU A 526 19.06 -34.64 -26.87
N ARG A 527 20.05 -34.60 -25.99
CA ARG A 527 21.09 -35.63 -25.97
C ARG A 527 20.49 -36.97 -25.55
N ASP A 528 19.56 -36.92 -24.60
CA ASP A 528 18.87 -38.13 -24.17
C ASP A 528 17.99 -38.66 -25.31
N SER A 529 17.20 -37.76 -25.90
CA SER A 529 16.33 -38.13 -27.01
C SER A 529 16.05 -36.93 -27.90
N SER B 7 -16.57 -15.18 -2.53
CA SER B 7 -17.76 -14.46 -2.08
C SER B 7 -19.04 -15.16 -2.54
N VAL B 8 -20.17 -14.65 -2.09
CA VAL B 8 -21.47 -15.24 -2.41
C VAL B 8 -22.39 -14.22 -3.07
N PRO B 9 -23.35 -14.70 -3.89
CA PRO B 9 -24.32 -13.81 -4.54
C PRO B 9 -25.11 -12.97 -3.55
N GLU B 10 -25.51 -11.78 -3.97
CA GLU B 10 -26.17 -10.82 -3.10
C GLU B 10 -27.61 -11.18 -2.76
N GLN B 11 -28.35 -11.64 -3.78
CA GLN B 11 -29.78 -11.89 -3.63
C GLN B 11 -30.11 -13.12 -2.79
N GLN B 12 -29.15 -14.03 -2.67
CA GLN B 12 -29.37 -15.27 -1.93
C GLN B 12 -29.36 -15.05 -0.42
N ILE B 13 -28.66 -14.01 0.01
CA ILE B 13 -28.52 -13.72 1.44
C ILE B 13 -29.79 -13.10 2.01
N THR B 14 -30.36 -13.75 3.03
CA THR B 14 -31.61 -13.31 3.64
C THR B 14 -31.53 -13.28 5.15
N ALA B 15 -30.59 -14.02 5.72
CA ALA B 15 -30.49 -14.17 7.16
C ALA B 15 -29.87 -12.93 7.81
N TYR B 16 -30.53 -12.43 8.85
CA TYR B 16 -30.08 -11.30 9.67
C TYR B 16 -30.02 -9.95 8.94
N LEU B 17 -30.12 -9.96 7.61
CA LEU B 17 -29.88 -8.76 6.80
C LEU B 17 -30.80 -7.58 7.15
N SER B 18 -32.10 -7.86 7.20
CA SER B 18 -33.09 -6.81 7.46
C SER B 18 -32.88 -6.14 8.81
N ARG B 19 -32.50 -6.92 9.82
CA ARG B 19 -32.32 -6.38 11.16
C ARG B 19 -30.92 -5.79 11.35
N ILE B 20 -29.93 -6.33 10.66
CA ILE B 20 -28.59 -5.77 10.72
C ILE B 20 -28.57 -4.39 10.08
N GLN B 21 -29.17 -4.28 8.89
CA GLN B 21 -29.23 -3.00 8.19
C GLN B 21 -30.01 -1.95 8.95
N ARG B 22 -31.21 -2.31 9.39
CA ARG B 22 -32.10 -1.36 10.05
C ARG B 22 -32.48 -1.83 11.46
N GLY B 23 -31.50 -1.86 12.35
CA GLY B 23 -31.70 -2.35 13.70
C GLY B 23 -32.49 -1.39 14.57
N GLY B 24 -32.35 -0.10 14.31
CA GLY B 24 -33.03 0.91 15.10
C GLY B 24 -32.31 1.17 16.41
N TYR B 25 -31.14 0.56 16.56
CA TYR B 25 -30.35 0.72 17.78
C TYR B 25 -28.92 1.13 17.43
N ILE B 26 -28.39 2.08 18.20
CA ILE B 26 -27.02 2.53 18.01
C ILE B 26 -26.20 2.35 19.29
N GLN B 27 -24.89 2.50 19.18
CA GLN B 27 -24.01 2.45 20.34
C GLN B 27 -24.08 3.78 21.09
N PRO B 28 -23.92 3.73 22.42
CA PRO B 28 -24.16 4.91 23.26
C PRO B 28 -22.98 5.87 23.36
N PHE B 29 -21.93 5.67 22.58
CA PHE B 29 -20.74 6.51 22.70
C PHE B 29 -20.79 7.74 21.80
N GLY B 30 -21.82 7.84 20.97
CA GLY B 30 -21.96 8.97 20.06
C GLY B 30 -23.39 9.26 19.66
N CYS B 31 -23.67 10.53 19.34
CA CYS B 31 -25.00 10.93 18.93
C CYS B 31 -25.25 10.56 17.48
N MET B 32 -26.50 10.45 17.07
CA MET B 32 -26.82 10.20 15.67
C MET B 32 -28.03 11.01 15.23
N ILE B 33 -27.85 11.80 14.18
CA ILE B 33 -28.94 12.62 13.66
C ILE B 33 -29.13 12.40 12.16
N ALA B 34 -30.29 11.87 11.78
CA ALA B 34 -30.63 11.70 10.38
C ALA B 34 -31.36 12.93 9.86
N VAL B 35 -30.79 13.55 8.82
CA VAL B 35 -31.28 14.82 8.30
C VAL B 35 -31.57 14.75 6.81
N ASP B 36 -32.73 15.26 6.39
CA ASP B 36 -33.09 15.31 4.98
C ASP B 36 -32.03 16.07 4.17
N GLU B 37 -31.88 15.70 2.90
CA GLU B 37 -30.80 16.23 2.08
C GLU B 37 -31.12 17.61 1.50
N SER B 38 -32.29 17.74 0.89
CA SER B 38 -32.71 19.00 0.30
C SER B 38 -32.84 20.09 1.36
N SER B 39 -33.71 19.85 2.33
CA SER B 39 -33.84 20.76 3.48
C SER B 39 -33.17 20.13 4.69
N PHE B 40 -32.44 20.94 5.45
CA PHE B 40 -31.67 20.42 6.57
C PHE B 40 -32.51 20.23 7.83
N ARG B 41 -33.75 19.80 7.66
CA ARG B 41 -34.62 19.49 8.79
C ARG B 41 -34.37 18.07 9.28
N ILE B 42 -34.54 17.85 10.58
CA ILE B 42 -34.27 16.55 11.19
C ILE B 42 -35.41 15.56 10.93
N ILE B 43 -35.05 14.37 10.45
CA ILE B 43 -36.03 13.30 10.25
C ILE B 43 -35.73 12.13 11.18
N GLY B 44 -34.63 12.23 11.94
CA GLY B 44 -34.29 11.21 12.89
C GLY B 44 -33.25 11.67 13.90
N TYR B 45 -33.28 11.10 15.09
CA TYR B 45 -32.30 11.43 16.13
C TYR B 45 -32.29 10.39 17.24
N SER B 46 -31.12 10.11 17.78
CA SER B 46 -30.99 9.13 18.86
C SER B 46 -31.54 9.69 20.17
N GLU B 47 -31.75 8.80 21.14
CA GLU B 47 -32.33 9.20 22.42
C GLU B 47 -31.36 10.05 23.24
N ASN B 48 -30.08 9.69 23.22
CA ASN B 48 -29.08 10.38 24.01
C ASN B 48 -28.51 11.63 23.34
N ALA B 49 -28.99 11.91 22.13
CA ALA B 49 -28.50 13.03 21.34
C ALA B 49 -28.58 14.36 22.09
N ARG B 50 -29.69 14.58 22.80
CA ARG B 50 -29.89 15.82 23.53
C ARG B 50 -28.94 15.95 24.72
N GLU B 51 -28.47 14.80 25.22
CA GLU B 51 -27.66 14.77 26.43
C GLU B 51 -26.21 15.18 26.19
N MET B 52 -25.60 14.66 25.12
CA MET B 52 -24.20 14.93 24.84
C MET B 52 -24.00 16.32 24.25
N LEU B 53 -25.04 16.85 23.60
CA LEU B 53 -24.96 18.16 22.99
C LEU B 53 -25.34 19.27 23.97
N GLY B 54 -25.85 18.87 25.13
CA GLY B 54 -26.25 19.82 26.15
C GLY B 54 -27.52 20.58 25.77
N ILE B 55 -28.42 19.89 25.09
CA ILE B 55 -29.67 20.48 24.64
C ILE B 55 -30.79 20.17 25.63
N MET B 56 -30.46 19.36 26.64
CA MET B 56 -31.41 19.00 27.69
C MET B 56 -31.99 20.24 28.38
N PRO B 57 -33.33 20.30 28.48
CA PRO B 57 -34.04 21.43 29.08
C PRO B 57 -33.64 21.67 30.53
N GLU B 67 -38.63 23.59 21.85
CA GLU B 67 -37.36 22.97 22.19
C GLU B 67 -36.40 23.07 21.00
N ILE B 68 -35.10 23.05 21.29
CA ILE B 68 -34.08 23.25 20.26
C ILE B 68 -33.98 22.07 19.30
N LEU B 69 -33.78 20.87 19.84
CA LEU B 69 -33.69 19.68 19.01
C LEU B 69 -35.00 18.90 19.01
N ALA B 70 -35.61 18.78 17.84
CA ALA B 70 -36.87 18.05 17.70
C ALA B 70 -37.07 17.58 16.26
N MET B 71 -38.12 16.81 16.04
CA MET B 71 -38.42 16.28 14.72
C MET B 71 -38.89 17.39 13.78
N GLY B 72 -38.06 17.73 12.81
CA GLY B 72 -38.39 18.78 11.85
C GLY B 72 -37.70 20.10 12.18
N THR B 73 -36.50 20.00 12.75
CA THR B 73 -35.73 21.19 13.11
C THR B 73 -34.47 21.27 12.26
N ASP B 74 -34.08 22.48 11.88
CA ASP B 74 -32.88 22.69 11.09
C ASP B 74 -31.64 22.29 11.88
N VAL B 75 -30.94 21.26 11.39
CA VAL B 75 -29.77 20.72 12.08
C VAL B 75 -28.61 21.71 12.07
N ARG B 76 -28.60 22.60 11.08
CA ARG B 76 -27.55 23.60 10.94
C ARG B 76 -27.56 24.59 12.10
N SER B 77 -28.69 24.66 12.79
CA SER B 77 -28.83 25.55 13.95
C SER B 77 -28.33 24.88 15.21
N LEU B 78 -27.93 23.62 15.11
CA LEU B 78 -27.43 22.87 16.26
C LEU B 78 -25.91 23.00 16.39
N PHE B 79 -25.29 23.59 15.39
CA PHE B 79 -23.84 23.74 15.38
C PHE B 79 -23.43 25.17 15.04
N THR B 80 -22.13 25.42 15.06
CA THR B 80 -21.60 26.73 14.68
C THR B 80 -21.79 26.94 13.18
N SER B 81 -21.77 28.21 12.76
CA SER B 81 -22.00 28.54 11.36
C SER B 81 -20.91 27.98 10.46
N SER B 82 -19.70 27.89 10.99
CA SER B 82 -18.58 27.30 10.25
C SER B 82 -18.84 25.82 10.01
N SER B 83 -19.19 25.10 11.07
CA SER B 83 -19.55 23.70 10.96
C SER B 83 -20.78 23.54 10.08
N SER B 84 -21.68 24.51 10.16
CA SER B 84 -22.90 24.51 9.37
C SER B 84 -22.60 24.54 7.87
N ILE B 85 -21.77 25.49 7.45
CA ILE B 85 -21.43 25.60 6.04
C ILE B 85 -20.51 24.47 5.60
N LEU B 86 -19.73 23.92 6.54
CA LEU B 86 -18.95 22.73 6.27
C LEU B 86 -19.87 21.57 5.89
N LEU B 87 -20.93 21.41 6.66
CA LEU B 87 -21.95 20.40 6.37
C LEU B 87 -22.65 20.69 5.05
N GLU B 88 -22.97 21.97 4.82
CA GLU B 88 -23.65 22.38 3.60
C GLU B 88 -22.83 22.01 2.37
N ARG B 89 -21.51 22.19 2.46
CA ARG B 89 -20.62 21.87 1.35
C ARG B 89 -20.33 20.38 1.31
N ALA B 90 -20.58 19.69 2.43
CA ALA B 90 -20.40 18.25 2.50
C ALA B 90 -21.54 17.50 1.83
N PHE B 91 -22.75 18.03 1.99
CA PHE B 91 -23.94 17.41 1.40
C PHE B 91 -23.92 17.47 -0.13
N VAL B 92 -23.41 18.59 -0.65
CA VAL B 92 -23.39 18.80 -2.10
C VAL B 92 -22.08 18.35 -2.72
N ALA B 93 -21.26 17.64 -1.95
CA ALA B 93 -19.98 17.14 -2.45
C ALA B 93 -20.19 16.03 -3.47
N ARG B 94 -19.16 15.76 -4.26
CA ARG B 94 -19.20 14.71 -5.27
C ARG B 94 -19.45 13.36 -4.61
N GLU B 95 -18.64 13.05 -3.61
CA GLU B 95 -18.85 11.86 -2.80
C GLU B 95 -18.55 12.19 -1.34
N ILE B 96 -19.59 12.08 -0.50
CA ILE B 96 -19.50 12.50 0.89
C ILE B 96 -18.47 11.68 1.68
N THR B 97 -18.34 10.41 1.33
CA THR B 97 -17.48 9.49 2.06
C THR B 97 -16.02 9.95 2.13
N LEU B 98 -15.62 10.79 1.18
CA LEU B 98 -14.25 11.29 1.12
C LEU B 98 -14.03 12.48 2.03
N LEU B 99 -15.11 13.06 2.54
CA LEU B 99 -15.02 14.21 3.42
C LEU B 99 -15.07 13.81 4.89
N ASN B 100 -15.31 12.54 5.15
CA ASN B 100 -15.29 12.03 6.51
C ASN B 100 -13.87 11.95 7.05
N PRO B 101 -13.66 12.43 8.29
CA PRO B 101 -14.69 13.02 9.16
C PRO B 101 -14.82 14.53 8.97
N VAL B 102 -16.04 15.04 9.14
CA VAL B 102 -16.27 16.47 9.08
C VAL B 102 -16.23 17.06 10.49
N TRP B 103 -15.24 17.90 10.76
CA TRP B 103 -15.07 18.47 12.10
C TRP B 103 -16.18 19.47 12.41
N ILE B 104 -16.75 19.35 13.60
CA ILE B 104 -17.94 20.13 13.95
C ILE B 104 -17.90 20.62 15.40
N HIS B 105 -18.30 21.87 15.63
CA HIS B 105 -18.43 22.37 16.99
C HIS B 105 -19.90 22.59 17.34
N SER B 106 -20.24 22.33 18.61
CA SER B 106 -21.61 22.50 19.08
C SER B 106 -22.00 23.98 19.11
N LYS B 107 -23.31 24.23 19.11
CA LYS B 107 -23.81 25.59 19.04
C LYS B 107 -23.65 26.35 20.37
N ASN B 108 -23.79 25.65 21.48
CA ASN B 108 -23.77 26.29 22.79
C ASN B 108 -22.66 25.75 23.70
N THR B 109 -22.56 24.43 23.80
CA THR B 109 -21.54 23.82 24.63
C THR B 109 -20.17 23.94 23.97
N GLY B 110 -20.17 24.09 22.65
CA GLY B 110 -18.93 24.22 21.89
C GLY B 110 -18.12 22.94 21.91
N LYS B 111 -18.78 21.82 22.15
CA LYS B 111 -18.10 20.53 22.23
C LYS B 111 -17.72 20.04 20.84
N PRO B 112 -16.46 19.62 20.68
CA PRO B 112 -15.95 19.10 19.40
C PRO B 112 -16.50 17.73 19.05
N PHE B 113 -16.78 17.53 17.76
CA PHE B 113 -17.37 16.28 17.28
C PHE B 113 -16.87 15.93 15.87
N TYR B 114 -16.51 14.66 15.69
CA TYR B 114 -16.26 14.12 14.36
C TYR B 114 -17.58 13.70 13.75
N ALA B 115 -17.91 14.27 12.59
CA ALA B 115 -19.16 13.95 11.91
C ALA B 115 -18.93 13.02 10.73
N ILE B 116 -19.38 11.78 10.88
CA ILE B 116 -19.29 10.79 9.83
C ILE B 116 -20.63 10.71 9.11
N LEU B 117 -20.65 11.19 7.86
CA LEU B 117 -21.90 11.29 7.12
C LEU B 117 -22.07 10.14 6.13
N HIS B 118 -23.31 9.67 5.98
CA HIS B 118 -23.63 8.63 5.01
C HIS B 118 -24.94 8.95 4.30
N ARG B 119 -24.94 8.83 2.98
CA ARG B 119 -26.16 9.08 2.22
C ARG B 119 -27.00 7.81 2.10
N ILE B 120 -28.19 7.83 2.69
CA ILE B 120 -29.07 6.67 2.68
C ILE B 120 -30.20 6.85 1.66
N ASP B 121 -31.15 5.92 1.68
CA ASP B 121 -32.27 5.93 0.72
C ASP B 121 -33.07 7.23 0.81
N VAL B 122 -33.47 7.61 2.01
CA VAL B 122 -34.17 8.87 2.22
C VAL B 122 -33.50 9.67 3.32
N GLY B 123 -32.77 10.71 2.93
CA GLY B 123 -32.05 11.55 3.87
C GLY B 123 -30.58 11.18 3.98
N VAL B 124 -29.93 11.71 5.02
CA VAL B 124 -28.51 11.49 5.26
C VAL B 124 -28.24 11.29 6.75
N VAL B 125 -27.63 10.17 7.09
CA VAL B 125 -27.29 9.85 8.47
C VAL B 125 -26.00 10.57 8.90
N ILE B 126 -26.08 11.30 10.01
CA ILE B 126 -24.93 12.00 10.55
C ILE B 126 -24.53 11.40 11.89
N ASP B 127 -23.36 10.77 11.93
CA ASP B 127 -22.82 10.22 13.16
C ASP B 127 -21.93 11.24 13.86
N LEU B 128 -22.20 11.52 15.13
CA LEU B 128 -21.41 12.48 15.88
C LEU B 128 -20.62 11.78 16.98
N GLU B 129 -19.31 11.74 16.82
CA GLU B 129 -18.43 11.15 17.83
C GLU B 129 -17.71 12.23 18.63
N PRO B 130 -17.76 12.13 19.97
CA PRO B 130 -17.09 13.09 20.84
C PRO B 130 -15.57 13.06 20.68
N ALA B 131 -14.98 14.17 20.28
CA ALA B 131 -13.55 14.25 20.06
C ALA B 131 -12.86 15.01 21.19
N ARG B 132 -11.57 14.72 21.38
CA ARG B 132 -10.79 15.39 22.42
C ARG B 132 -10.51 16.84 22.05
N THR B 133 -10.67 17.74 23.00
CA THR B 133 -10.45 19.16 22.77
C THR B 133 -8.96 19.44 22.55
N GLU B 134 -8.58 19.67 21.30
CA GLU B 134 -7.19 19.96 20.95
C GLU B 134 -7.00 21.42 20.58
N ASP B 135 -5.77 21.90 20.72
CA ASP B 135 -5.43 23.27 20.34
C ASP B 135 -5.56 23.45 18.84
N PRO B 136 -6.12 24.59 18.40
CA PRO B 136 -6.27 24.91 16.98
C PRO B 136 -4.95 24.82 16.21
N ALA B 137 -3.84 25.04 16.91
CA ALA B 137 -2.52 24.99 16.29
C ALA B 137 -2.22 23.59 15.76
N LEU B 138 -2.80 22.57 16.36
CA LEU B 138 -2.61 21.22 15.89
C LEU B 138 -3.59 20.85 14.75
N SER B 139 -4.56 21.71 14.48
CA SER B 139 -5.58 21.41 13.48
C SER B 139 -4.97 20.99 12.14
N ILE B 140 -4.02 21.79 11.66
CA ILE B 140 -3.29 21.44 10.44
C ILE B 140 -2.67 20.06 10.61
N ALA B 141 -1.91 19.89 11.69
CA ALA B 141 -1.29 18.61 12.02
C ALA B 141 -2.34 17.51 12.16
N GLY B 142 -3.55 17.89 12.51
CA GLY B 142 -4.63 16.94 12.66
C GLY B 142 -5.20 16.49 11.32
N ALA B 143 -5.09 17.35 10.32
CA ALA B 143 -5.64 17.06 9.00
C ALA B 143 -4.84 15.98 8.27
N VAL B 144 -3.55 15.90 8.57
CA VAL B 144 -2.67 14.99 7.85
C VAL B 144 -2.51 13.67 8.61
N GLN B 145 -3.07 13.62 9.81
CA GLN B 145 -2.87 12.49 10.73
C GLN B 145 -3.17 11.12 10.13
N SER B 146 -4.36 10.97 9.55
CA SER B 146 -4.80 9.70 8.99
C SER B 146 -3.79 9.16 7.99
N GLN B 147 -3.49 9.97 6.97
CA GLN B 147 -2.56 9.57 5.93
C GLN B 147 -1.14 9.40 6.47
N LYS B 148 -0.83 10.03 7.60
CA LYS B 148 0.49 9.90 8.21
C LYS B 148 0.64 8.52 8.85
N LEU B 149 -0.29 8.19 9.74
CA LEU B 149 -0.32 6.88 10.37
C LEU B 149 -0.36 5.79 9.31
N ALA B 150 -1.22 6.00 8.30
CA ALA B 150 -1.34 5.06 7.20
C ALA B 150 -0.01 4.90 6.47
N VAL B 151 0.67 6.01 6.21
CA VAL B 151 1.95 5.98 5.51
C VAL B 151 2.98 5.20 6.29
N ARG B 152 3.00 5.39 7.61
CA ARG B 152 3.94 4.64 8.45
C ARG B 152 3.64 3.14 8.43
N ALA B 153 2.38 2.81 8.71
CA ALA B 153 1.96 1.41 8.77
C ALA B 153 2.23 0.68 7.45
N ILE B 154 1.90 1.32 6.34
CA ILE B 154 2.14 0.74 5.02
C ILE B 154 3.63 0.67 4.72
N SER B 155 4.38 1.65 5.23
CA SER B 155 5.83 1.66 5.08
C SER B 155 6.43 0.46 5.79
N GLN B 156 5.76 0.00 6.85
CA GLN B 156 6.17 -1.24 7.49
C GLN B 156 5.95 -2.44 6.57
N LEU B 157 5.10 -2.28 5.56
CA LEU B 157 4.81 -3.34 4.60
C LEU B 157 5.66 -3.22 3.34
N GLN B 158 6.18 -2.04 3.07
CA GLN B 158 7.00 -1.82 1.88
C GLN B 158 8.37 -2.46 2.01
N ALA B 159 8.93 -2.43 3.22
CA ALA B 159 10.23 -3.02 3.48
C ALA B 159 10.10 -4.50 3.83
N LEU B 160 9.11 -5.14 3.24
CA LEU B 160 8.82 -6.54 3.54
C LEU B 160 9.22 -7.45 2.38
N PRO B 161 10.08 -8.42 2.66
CA PRO B 161 10.53 -9.39 1.66
C PRO B 161 9.38 -10.17 1.03
N GLY B 162 9.09 -9.88 -0.22
CA GLY B 162 8.00 -10.54 -0.92
C GLY B 162 8.20 -12.04 -1.05
N GLY B 163 7.10 -12.79 -1.04
CA GLY B 163 7.15 -14.22 -1.14
C GLY B 163 6.45 -14.90 0.03
N ASP B 164 6.75 -14.44 1.24
CA ASP B 164 6.15 -15.00 2.44
C ASP B 164 4.75 -14.43 2.68
N ILE B 165 3.84 -15.27 3.13
CA ILE B 165 2.46 -14.86 3.36
C ILE B 165 2.19 -14.72 4.86
N LYS B 166 2.98 -15.44 5.67
CA LYS B 166 2.82 -15.42 7.12
C LYS B 166 3.37 -14.13 7.73
N LEU B 167 4.56 -13.73 7.28
CA LEU B 167 5.22 -12.54 7.81
C LEU B 167 4.41 -11.29 7.50
N LEU B 168 3.68 -11.31 6.39
CA LEU B 168 2.79 -10.21 6.03
C LEU B 168 1.72 -10.04 7.09
N CYS B 169 0.96 -11.10 7.34
CA CYS B 169 -0.10 -11.08 8.35
C CYS B 169 0.45 -10.75 9.72
N ASP B 170 1.62 -11.27 10.05
CA ASP B 170 2.25 -11.00 11.34
C ASP B 170 2.58 -9.52 11.52
N THR B 171 3.30 -8.96 10.55
CA THR B 171 3.73 -7.57 10.62
C THR B 171 2.54 -6.61 10.56
N VAL B 172 1.49 -7.02 9.84
CA VAL B 172 0.28 -6.21 9.75
C VAL B 172 -0.48 -6.22 11.07
N VAL B 173 -0.64 -7.41 11.64
CA VAL B 173 -1.27 -7.57 12.94
C VAL B 173 -0.53 -6.75 14.00
N GLU B 174 0.78 -6.82 13.98
CA GLU B 174 1.62 -6.03 14.90
C GLU B 174 1.43 -4.54 14.65
N SER B 175 1.33 -4.16 13.38
CA SER B 175 1.18 -2.75 13.01
C SER B 175 -0.12 -2.18 13.54
N VAL B 176 -1.22 -2.92 13.39
CA VAL B 176 -2.51 -2.50 13.90
C VAL B 176 -2.50 -2.53 15.43
N ARG B 177 -1.77 -3.49 15.98
CA ARG B 177 -1.61 -3.61 17.42
C ARG B 177 -0.99 -2.35 18.02
N ASP B 178 0.06 -1.85 17.37
CA ASP B 178 0.75 -0.65 17.84
C ASP B 178 -0.01 0.61 17.44
N LEU B 179 -0.84 0.51 16.41
CA LEU B 179 -1.60 1.66 15.92
C LEU B 179 -2.74 2.01 16.87
N THR B 180 -3.57 1.02 17.17
CA THR B 180 -4.72 1.23 18.04
C THR B 180 -4.35 1.09 19.51
N GLY B 181 -4.20 -0.16 19.96
CA GLY B 181 -3.81 -0.42 21.34
C GLY B 181 -4.64 -1.52 21.99
N TYR B 182 -5.33 -2.31 21.17
CA TYR B 182 -6.11 -3.42 21.66
C TYR B 182 -5.23 -4.48 22.31
N ASP B 183 -5.79 -5.23 23.25
CA ASP B 183 -5.04 -6.28 23.94
C ASP B 183 -4.85 -7.50 23.05
N ARG B 184 -5.64 -7.56 21.98
N ARG B 184 -5.62 -7.56 21.96
CA ARG B 184 -5.53 -8.66 21.01
CA ARG B 184 -5.55 -8.67 21.02
C ARG B 184 -5.84 -8.15 19.61
C ARG B 184 -5.90 -8.24 19.60
N VAL B 185 -5.00 -8.52 18.66
CA VAL B 185 -5.22 -8.20 17.25
C VAL B 185 -4.91 -9.44 16.43
N MET B 186 -5.76 -9.78 15.46
CA MET B 186 -5.54 -11.00 14.71
C MET B 186 -6.16 -11.01 13.31
N VAL B 187 -5.62 -11.88 12.46
CA VAL B 187 -6.14 -12.08 11.11
C VAL B 187 -7.01 -13.34 11.06
N TYR B 188 -8.26 -13.15 10.69
CA TYR B 188 -9.23 -14.22 10.55
C TYR B 188 -9.45 -14.52 9.08
N LYS B 189 -9.17 -15.75 8.66
CA LYS B 189 -9.24 -16.11 7.24
C LYS B 189 -10.42 -17.00 6.92
N PHE B 190 -11.16 -16.67 5.87
CA PHE B 190 -12.28 -17.49 5.43
C PHE B 190 -11.80 -18.63 4.54
N HIS B 191 -12.07 -19.86 4.96
CA HIS B 191 -11.70 -21.03 4.17
C HIS B 191 -12.71 -21.29 3.06
N GLU B 192 -12.55 -22.40 2.36
CA GLU B 192 -13.39 -22.73 1.22
C GLU B 192 -14.83 -23.04 1.63
N ASP B 193 -15.01 -23.70 2.77
CA ASP B 193 -16.35 -24.03 3.26
C ASP B 193 -16.88 -22.97 4.21
N GLU B 194 -16.48 -21.72 3.97
CA GLU B 194 -16.99 -20.55 4.70
C GLU B 194 -16.62 -20.51 6.18
N HIS B 195 -16.01 -21.56 6.70
CA HIS B 195 -15.57 -21.55 8.10
C HIS B 195 -14.22 -20.85 8.19
N GLY B 196 -13.96 -20.21 9.33
CA GLY B 196 -12.78 -19.37 9.44
C GLY B 196 -11.68 -19.93 10.31
N GLU B 197 -10.50 -19.31 10.22
CA GLU B 197 -9.34 -19.72 11.00
C GLU B 197 -8.43 -18.55 11.33
N VAL B 198 -8.00 -18.46 12.59
CA VAL B 198 -7.05 -17.44 13.00
C VAL B 198 -5.65 -17.79 12.50
N VAL B 199 -5.13 -16.97 11.59
CA VAL B 199 -3.85 -17.26 10.95
C VAL B 199 -2.67 -16.65 11.71
N ALA B 200 -2.86 -15.43 12.21
CA ALA B 200 -1.82 -14.75 12.96
C ALA B 200 -2.42 -13.81 14.00
N GLU B 201 -1.71 -13.59 15.09
CA GLU B 201 -2.20 -12.72 16.15
C GLU B 201 -1.08 -12.13 17.00
N SER B 202 -1.36 -11.00 17.64
CA SER B 202 -0.44 -10.38 18.58
C SER B 202 -1.14 -10.15 19.91
N LYS B 203 -1.43 -11.25 20.59
CA LYS B 203 -2.09 -11.21 21.90
C LYS B 203 -1.29 -10.42 22.91
N ARG B 204 -1.96 -9.88 23.93
CA ARG B 204 -1.26 -9.36 25.08
C ARG B 204 -0.61 -10.55 25.77
N ASP B 205 0.62 -10.36 26.27
CA ASP B 205 1.40 -11.44 26.85
C ASP B 205 0.66 -12.12 28.00
N ASP B 206 -0.23 -11.36 28.64
CA ASP B 206 -1.04 -11.88 29.74
C ASP B 206 -2.13 -12.83 29.24
N LEU B 207 -2.77 -12.46 28.13
CA LEU B 207 -3.90 -13.23 27.59
C LEU B 207 -3.48 -14.57 26.99
N GLU B 208 -4.46 -15.41 26.70
CA GLU B 208 -4.24 -16.69 26.06
C GLU B 208 -4.49 -16.59 24.55
N PRO B 209 -3.69 -17.32 23.76
CA PRO B 209 -3.75 -17.21 22.29
C PRO B 209 -4.96 -17.91 21.66
N TYR B 210 -5.59 -17.26 20.70
CA TYR B 210 -6.67 -17.86 19.92
C TYR B 210 -6.11 -18.42 18.62
N ILE B 211 -4.80 -18.50 18.54
CA ILE B 211 -4.11 -18.88 17.30
C ILE B 211 -4.28 -20.38 16.99
N GLY B 212 -4.48 -20.67 15.71
CA GLY B 212 -4.52 -22.05 15.25
C GLY B 212 -5.89 -22.71 15.26
N LEU B 213 -6.76 -22.25 16.14
CA LEU B 213 -8.08 -22.88 16.29
C LEU B 213 -9.11 -22.24 15.37
N HIS B 214 -9.96 -23.09 14.79
CA HIS B 214 -10.94 -22.67 13.79
C HIS B 214 -12.27 -22.26 14.43
N TYR B 215 -13.23 -21.94 13.58
CA TYR B 215 -14.56 -21.54 14.02
C TYR B 215 -15.62 -21.96 13.00
N PRO B 216 -16.86 -22.18 13.45
CA PRO B 216 -17.94 -22.51 12.50
C PRO B 216 -18.29 -21.32 11.62
N ALA B 217 -18.84 -21.58 10.44
CA ALA B 217 -19.18 -20.54 9.49
C ALA B 217 -20.37 -19.71 9.98
N THR B 218 -21.17 -20.29 10.87
CA THR B 218 -22.35 -19.62 11.38
C THR B 218 -22.00 -18.54 12.40
N ASP B 219 -20.72 -18.47 12.77
CA ASP B 219 -20.25 -17.42 13.67
C ASP B 219 -20.37 -16.07 12.99
N ILE B 220 -20.11 -16.05 11.69
CA ILE B 220 -20.27 -14.84 10.89
C ILE B 220 -21.27 -15.10 9.77
N PRO B 221 -22.48 -14.55 9.91
CA PRO B 221 -23.54 -14.71 8.91
C PRO B 221 -23.12 -14.20 7.54
N GLN B 222 -23.79 -14.66 6.49
CA GLN B 222 -23.51 -14.19 5.13
C GLN B 222 -23.74 -12.70 5.00
N ALA B 223 -24.71 -12.19 5.77
CA ALA B 223 -25.07 -10.79 5.72
C ALA B 223 -23.94 -9.90 6.23
N SER B 224 -23.23 -10.35 7.25
CA SER B 224 -22.13 -9.58 7.82
C SER B 224 -20.94 -9.55 6.87
N ARG B 225 -20.58 -10.71 6.35
CA ARG B 225 -19.47 -10.83 5.40
C ARG B 225 -19.76 -10.01 4.15
N PHE B 226 -21.00 -10.06 3.68
CA PHE B 226 -21.40 -9.27 2.52
C PHE B 226 -21.35 -7.77 2.84
N LEU B 227 -21.80 -7.40 4.02
CA LEU B 227 -21.87 -6.00 4.42
C LEU B 227 -20.49 -5.39 4.63
N PHE B 228 -19.52 -6.24 4.96
CA PHE B 228 -18.17 -5.75 5.20
C PHE B 228 -17.44 -5.36 3.92
N LYS B 229 -18.07 -5.64 2.77
CA LYS B 229 -17.52 -5.23 1.49
C LYS B 229 -17.66 -3.72 1.29
N GLN B 230 -18.86 -3.21 1.55
CA GLN B 230 -19.13 -1.79 1.39
C GLN B 230 -18.73 -1.00 2.62
N ASN B 231 -18.75 -1.66 3.78
CA ASN B 231 -18.30 -1.04 5.03
C ASN B 231 -17.10 -1.81 5.59
N ARG B 232 -15.91 -1.29 5.35
CA ARG B 232 -14.68 -2.04 5.59
C ARG B 232 -14.16 -1.92 7.02
N VAL B 233 -14.73 -1.01 7.80
CA VAL B 233 -14.32 -0.86 9.20
C VAL B 233 -15.54 -0.85 10.12
N ARG B 234 -15.43 -1.55 11.24
CA ARG B 234 -16.52 -1.61 12.21
C ARG B 234 -15.99 -1.63 13.64
N MET B 235 -16.46 -0.70 14.45
CA MET B 235 -15.97 -0.59 15.83
C MET B 235 -17.09 -0.74 16.85
N ILE B 236 -16.83 -1.52 17.90
CA ILE B 236 -17.74 -1.69 19.01
C ILE B 236 -17.02 -1.40 20.32
N VAL B 237 -17.34 -0.25 20.93
CA VAL B 237 -16.61 0.19 22.11
C VAL B 237 -16.98 -0.63 23.34
N ASP B 238 -18.17 -1.23 23.31
CA ASP B 238 -18.67 -2.03 24.43
C ASP B 238 -19.93 -2.77 24.02
N CYS B 239 -19.94 -4.09 24.20
CA CYS B 239 -21.10 -4.90 23.86
C CYS B 239 -22.14 -4.85 24.96
N ASN B 240 -21.67 -4.79 26.20
CA ASN B 240 -22.56 -4.78 27.36
C ASN B 240 -23.25 -3.43 27.56
N ALA B 241 -22.74 -2.41 26.86
CA ALA B 241 -23.33 -1.07 26.93
C ALA B 241 -24.74 -1.08 26.36
N THR B 242 -25.67 -0.46 27.08
CA THR B 242 -27.07 -0.44 26.69
C THR B 242 -27.28 0.34 25.40
N PRO B 243 -27.80 -0.33 24.36
CA PRO B 243 -28.09 0.27 23.05
C PRO B 243 -29.03 1.47 23.16
N VAL B 244 -28.93 2.39 22.21
CA VAL B 244 -29.77 3.58 22.20
C VAL B 244 -30.76 3.55 21.05
N LEU B 245 -32.05 3.60 21.39
CA LEU B 245 -33.11 3.60 20.37
C LEU B 245 -33.07 4.90 19.57
N VAL B 246 -33.24 4.80 18.26
CA VAL B 246 -33.29 5.98 17.42
C VAL B 246 -34.73 6.35 17.10
N VAL B 247 -35.09 7.58 17.42
CA VAL B 247 -36.43 8.08 17.15
C VAL B 247 -36.51 8.69 15.75
N GLN B 248 -37.42 8.17 14.95
CA GLN B 248 -37.58 8.66 13.58
C GLN B 248 -39.00 9.18 13.35
N ASP B 249 -39.18 9.89 12.23
CA ASP B 249 -40.47 10.51 11.91
C ASP B 249 -41.56 9.47 11.71
N ASP B 250 -42.81 9.89 11.93
CA ASP B 250 -43.96 9.00 11.79
C ASP B 250 -44.23 8.67 10.32
N ARG B 251 -43.88 9.62 9.44
CA ARG B 251 -44.14 9.47 8.01
C ARG B 251 -43.27 8.39 7.38
N LEU B 252 -42.14 8.11 8.01
CA LEU B 252 -41.20 7.12 7.49
C LEU B 252 -41.83 5.74 7.45
N THR B 253 -41.86 5.14 6.26
CA THR B 253 -42.47 3.84 6.04
C THR B 253 -41.80 2.74 6.85
N GLN B 254 -40.47 2.71 6.81
CA GLN B 254 -39.71 1.67 7.51
C GLN B 254 -38.58 2.28 8.32
N SER B 255 -37.89 1.44 9.09
CA SER B 255 -36.73 1.87 9.86
C SER B 255 -35.63 2.36 8.92
N MET B 256 -34.90 3.37 9.34
CA MET B 256 -33.86 3.96 8.50
C MET B 256 -32.70 2.99 8.26
N CYS B 257 -32.04 3.17 7.12
CA CYS B 257 -30.95 2.27 6.73
C CYS B 257 -29.64 2.67 7.41
N LEU B 258 -29.41 2.12 8.59
CA LEU B 258 -28.18 2.41 9.35
C LEU B 258 -27.05 1.47 8.94
N VAL B 259 -27.06 1.04 7.68
CA VAL B 259 -26.12 0.06 7.18
C VAL B 259 -24.68 0.58 7.21
N GLY B 260 -24.53 1.90 7.09
CA GLY B 260 -23.21 2.49 7.00
C GLY B 260 -22.80 3.30 8.22
N SER B 261 -23.71 3.42 9.18
CA SER B 261 -23.43 4.18 10.40
C SER B 261 -22.31 3.53 11.19
N THR B 262 -21.42 4.36 11.73
CA THR B 262 -20.30 3.88 12.54
C THR B 262 -20.75 3.63 13.98
N LEU B 263 -22.00 3.99 14.27
CA LEU B 263 -22.55 3.84 15.61
C LEU B 263 -23.52 2.66 15.71
N ARG B 264 -23.74 1.99 14.58
CA ARG B 264 -24.71 0.90 14.52
C ARG B 264 -24.46 -0.16 15.57
N ALA B 265 -25.41 -0.28 16.50
CA ALA B 265 -25.31 -1.25 17.59
C ALA B 265 -25.32 -2.67 17.04
N PRO B 266 -24.56 -3.56 17.69
CA PRO B 266 -24.44 -4.95 17.23
C PRO B 266 -25.72 -5.73 17.46
N HIS B 267 -26.04 -6.64 16.54
CA HIS B 267 -27.16 -7.55 16.74
C HIS B 267 -26.91 -8.34 18.01
N GLY B 268 -27.95 -8.47 18.83
CA GLY B 268 -27.83 -9.06 20.16
C GLY B 268 -27.01 -10.33 20.27
N CYS B 269 -27.14 -11.20 19.29
CA CYS B 269 -26.42 -12.46 19.28
C CYS B 269 -24.91 -12.24 19.27
N HIS B 270 -24.46 -11.27 18.49
CA HIS B 270 -23.03 -10.98 18.40
C HIS B 270 -22.54 -10.26 19.66
N SER B 271 -23.42 -9.51 20.29
CA SER B 271 -23.09 -8.84 21.54
C SER B 271 -22.84 -9.87 22.62
N GLN B 272 -23.77 -10.81 22.74
CA GLN B 272 -23.65 -11.89 23.72
C GLN B 272 -22.48 -12.80 23.36
N TYR B 273 -22.19 -12.90 22.06
CA TYR B 273 -21.04 -13.65 21.57
C TYR B 273 -19.75 -13.04 22.10
N MET B 274 -19.61 -11.74 21.88
CA MET B 274 -18.47 -10.97 22.37
C MET B 274 -18.34 -11.08 23.88
N ALA B 275 -19.47 -10.98 24.57
CA ALA B 275 -19.49 -11.08 26.03
C ALA B 275 -18.98 -12.44 26.49
N ASN B 276 -19.43 -13.49 25.81
CA ASN B 276 -19.05 -14.85 26.16
C ASN B 276 -17.57 -15.14 25.88
N MET B 277 -17.07 -14.60 24.77
CA MET B 277 -15.69 -14.86 24.37
C MET B 277 -14.69 -14.08 25.22
N GLY B 278 -15.14 -12.97 25.80
CA GLY B 278 -14.30 -12.13 26.63
C GLY B 278 -13.93 -10.84 25.96
N SER B 279 -14.30 -10.71 24.69
CA SER B 279 -14.02 -9.51 23.93
C SER B 279 -15.09 -8.45 24.16
N ILE B 280 -14.91 -7.65 25.21
CA ILE B 280 -15.88 -6.61 25.54
C ILE B 280 -15.79 -5.44 24.55
N ALA B 281 -14.68 -5.35 23.84
CA ALA B 281 -14.49 -4.32 22.83
C ALA B 281 -13.97 -4.93 21.53
N SER B 282 -14.63 -4.60 20.42
CA SER B 282 -14.29 -5.20 19.15
C SER B 282 -13.95 -4.17 18.07
N LEU B 283 -13.18 -4.62 17.07
CA LEU B 283 -12.85 -3.80 15.91
C LEU B 283 -12.53 -4.70 14.72
N ALA B 284 -13.48 -4.81 13.80
CA ALA B 284 -13.32 -5.68 12.65
C ALA B 284 -13.06 -4.89 11.37
N MET B 285 -12.04 -5.33 10.63
CA MET B 285 -11.67 -4.70 9.37
C MET B 285 -11.55 -5.73 8.27
N ALA B 286 -12.37 -5.59 7.23
CA ALA B 286 -12.42 -6.56 6.15
C ALA B 286 -11.23 -6.42 5.22
N VAL B 287 -10.76 -7.55 4.69
CA VAL B 287 -9.69 -7.52 3.69
C VAL B 287 -10.20 -8.10 2.36
N ILE B 288 -9.98 -7.35 1.30
CA ILE B 288 -10.58 -7.64 0.00
C ILE B 288 -9.55 -7.91 -1.09
N ILE B 289 -9.77 -8.99 -1.84
CA ILE B 289 -8.95 -9.30 -3.00
C ILE B 289 -9.85 -9.47 -4.21
N ASN B 290 -9.26 -9.90 -5.33
CA ASN B 290 -10.03 -10.08 -6.56
C ASN B 290 -10.34 -11.55 -6.83
N SER B 305 -16.96 -6.86 -8.75
CA SER B 305 -16.88 -8.28 -8.41
C SER B 305 -15.64 -8.57 -7.57
N MET B 306 -15.70 -8.18 -6.30
CA MET B 306 -14.58 -8.38 -5.39
C MET B 306 -14.87 -9.49 -4.38
N ARG B 307 -13.81 -10.00 -3.75
CA ARG B 307 -13.93 -11.14 -2.83
C ARG B 307 -13.39 -10.82 -1.44
N LEU B 308 -14.16 -11.19 -0.42
CA LEU B 308 -13.72 -11.02 0.96
C LEU B 308 -12.86 -12.20 1.42
N TRP B 309 -11.57 -11.95 1.62
CA TRP B 309 -10.64 -13.02 1.99
C TRP B 309 -10.79 -13.37 3.47
N GLY B 310 -10.97 -12.33 4.28
CA GLY B 310 -11.13 -12.48 5.71
C GLY B 310 -11.22 -11.14 6.38
N LEU B 311 -11.12 -11.12 7.71
CA LEU B 311 -11.18 -9.89 8.46
C LEU B 311 -9.94 -9.73 9.33
N VAL B 312 -9.70 -8.53 9.82
CA VAL B 312 -8.68 -8.32 10.84
C VAL B 312 -9.38 -7.80 12.09
N VAL B 313 -9.54 -8.68 13.08
CA VAL B 313 -10.35 -8.36 14.24
C VAL B 313 -9.52 -8.03 15.47
N CYS B 314 -10.05 -7.13 16.30
CA CYS B 314 -9.37 -6.68 17.51
C CYS B 314 -10.25 -6.89 18.74
N HIS B 315 -9.63 -7.34 19.82
CA HIS B 315 -10.33 -7.56 21.08
C HIS B 315 -9.64 -6.84 22.22
N HIS B 316 -10.43 -6.32 23.15
CA HIS B 316 -9.88 -5.64 24.32
C HIS B 316 -10.57 -6.14 25.59
N THR B 317 -9.78 -6.32 26.65
CA THR B 317 -10.33 -6.79 27.92
C THR B 317 -11.18 -5.71 28.57
N SER B 318 -10.90 -4.45 28.23
CA SER B 318 -11.68 -3.32 28.73
C SER B 318 -12.33 -2.57 27.57
N SER B 319 -13.09 -1.54 27.89
CA SER B 319 -13.72 -0.71 26.86
C SER B 319 -12.68 0.06 26.07
N ARG B 320 -12.89 0.19 24.76
CA ARG B 320 -11.93 0.88 23.91
C ARG B 320 -12.61 1.60 22.74
N CYS B 321 -12.59 2.93 22.79
CA CYS B 321 -13.08 3.75 21.69
C CYS B 321 -11.93 4.50 21.04
N ILE B 322 -11.64 4.16 19.78
CA ILE B 322 -10.57 4.82 19.06
C ILE B 322 -11.14 5.87 18.10
N PRO B 323 -10.44 7.02 17.97
CA PRO B 323 -10.87 8.10 17.09
C PRO B 323 -11.01 7.65 15.64
N PHE B 324 -11.85 8.35 14.88
CA PHE B 324 -12.09 7.99 13.48
C PHE B 324 -10.85 8.06 12.57
N PRO B 325 -9.98 9.08 12.73
CA PRO B 325 -8.79 9.10 11.88
C PRO B 325 -7.95 7.81 11.93
N LEU B 326 -7.91 7.18 13.10
CA LEU B 326 -7.16 5.93 13.23
C LEU B 326 -7.85 4.79 12.48
N ARG B 327 -9.18 4.81 12.47
CA ARG B 327 -9.93 3.80 11.74
C ARG B 327 -9.78 4.00 10.24
N TYR B 328 -9.65 5.26 9.83
CA TYR B 328 -9.43 5.59 8.43
C TYR B 328 -8.05 5.12 7.99
N ALA B 329 -7.04 5.45 8.80
CA ALA B 329 -5.67 5.02 8.56
C ALA B 329 -5.61 3.50 8.47
N CYS B 330 -6.35 2.84 9.35
CA CYS B 330 -6.43 1.38 9.34
C CYS B 330 -7.13 0.88 8.07
N GLU B 331 -8.07 1.65 7.55
CA GLU B 331 -8.74 1.30 6.31
C GLU B 331 -7.75 1.34 5.15
N PHE B 332 -6.97 2.41 5.09
CA PHE B 332 -5.89 2.52 4.10
C PHE B 332 -4.94 1.33 4.20
N LEU B 333 -4.50 1.07 5.44
CA LEU B 333 -3.61 -0.05 5.73
C LEU B 333 -4.20 -1.38 5.28
N MET B 334 -5.53 -1.48 5.32
CA MET B 334 -6.20 -2.71 4.93
C MET B 334 -6.36 -2.81 3.43
N GLN B 335 -6.43 -1.68 2.74
CA GLN B 335 -6.43 -1.69 1.29
C GLN B 335 -5.05 -2.14 0.79
N ALA B 336 -4.01 -1.53 1.38
CA ALA B 336 -2.64 -1.91 1.07
C ALA B 336 -2.39 -3.38 1.34
N PHE B 337 -2.83 -3.83 2.51
CA PHE B 337 -2.69 -5.23 2.91
C PHE B 337 -3.43 -6.14 1.94
N GLY B 338 -4.62 -5.70 1.51
CA GLY B 338 -5.41 -6.47 0.57
C GLY B 338 -4.70 -6.66 -0.76
N LEU B 339 -4.25 -5.56 -1.34
CA LEU B 339 -3.55 -5.62 -2.62
C LEU B 339 -2.27 -6.44 -2.54
N GLN B 340 -1.47 -6.16 -1.51
CA GLN B 340 -0.21 -6.87 -1.28
C GLN B 340 -0.43 -8.36 -1.14
N LEU B 341 -1.44 -8.73 -0.35
CA LEU B 341 -1.76 -10.14 -0.13
C LEU B 341 -2.25 -10.80 -1.42
N ASN B 342 -3.01 -10.05 -2.22
CA ASN B 342 -3.44 -10.55 -3.52
C ASN B 342 -2.22 -10.90 -4.38
N MET B 343 -1.30 -9.94 -4.46
CA MET B 343 -0.03 -10.14 -5.16
C MET B 343 0.68 -11.39 -4.67
N GLU B 344 0.78 -11.55 -3.35
CA GLU B 344 1.45 -12.71 -2.76
C GLU B 344 0.76 -14.02 -3.16
N LEU B 345 -0.57 -14.00 -3.19
CA LEU B 345 -1.34 -15.17 -3.57
C LEU B 345 -1.06 -15.57 -5.01
N GLN B 346 -1.18 -14.60 -5.92
CA GLN B 346 -0.92 -14.87 -7.34
C GLN B 346 0.50 -15.38 -7.54
N LEU B 347 1.46 -14.75 -6.87
CA LEU B 347 2.85 -15.19 -6.94
C LEU B 347 3.01 -16.64 -6.47
N ALA B 348 2.35 -16.97 -5.37
CA ALA B 348 2.41 -18.33 -4.83
C ALA B 348 1.85 -19.34 -5.82
N LEU B 349 0.70 -19.01 -6.41
CA LEU B 349 0.10 -19.86 -7.42
C LEU B 349 1.04 -20.10 -8.59
N GLN B 350 1.62 -19.00 -9.09
CA GLN B 350 2.57 -19.07 -10.20
C GLN B 350 3.76 -19.96 -9.87
N MET B 351 4.26 -19.84 -8.64
CA MET B 351 5.40 -20.63 -8.20
C MET B 351 5.07 -22.12 -8.12
N SER B 352 3.93 -22.44 -7.51
CA SER B 352 3.50 -23.83 -7.38
C SER B 352 3.30 -24.47 -8.76
N GLU B 353 2.57 -23.77 -9.62
CA GLU B 353 2.34 -24.24 -10.99
C GLU B 353 3.67 -24.43 -11.72
N LYS B 354 4.58 -23.50 -11.52
CA LYS B 354 5.92 -23.58 -12.11
C LYS B 354 6.63 -24.85 -11.65
N ARG B 355 6.49 -25.16 -10.37
CA ARG B 355 7.14 -26.34 -9.80
C ARG B 355 6.56 -27.64 -10.37
N VAL B 356 5.24 -27.78 -10.30
CA VAL B 356 4.63 -29.02 -10.79
C VAL B 356 4.85 -29.19 -12.30
N LEU B 357 4.90 -28.07 -13.03
CA LEU B 357 5.12 -28.12 -14.46
C LEU B 357 6.56 -28.50 -14.80
N ARG B 358 7.52 -27.91 -14.10
CA ARG B 358 8.93 -28.19 -14.36
C ARG B 358 9.26 -29.63 -13.96
N THR B 359 8.61 -30.13 -12.90
CA THR B 359 8.79 -31.52 -12.51
C THR B 359 8.14 -32.45 -13.54
N GLN B 360 6.99 -32.02 -14.05
CA GLN B 360 6.30 -32.77 -15.11
C GLN B 360 7.19 -32.94 -16.33
N THR B 361 7.71 -31.83 -16.84
CA THR B 361 8.61 -31.86 -17.99
C THR B 361 9.87 -32.67 -17.69
N LEU B 362 10.38 -32.51 -16.47
CA LEU B 362 11.58 -33.23 -16.03
C LEU B 362 11.39 -34.74 -16.13
N LEU B 363 10.37 -35.26 -15.45
CA LEU B 363 10.11 -36.70 -15.48
C LEU B 363 9.74 -37.19 -16.88
N CYS B 364 8.98 -36.37 -17.60
CA CYS B 364 8.59 -36.72 -18.97
C CYS B 364 9.82 -36.89 -19.87
N ASP B 365 10.85 -36.08 -19.61
CA ASP B 365 12.09 -36.19 -20.36
C ASP B 365 12.93 -37.37 -19.90
N MET B 366 12.99 -37.57 -18.58
CA MET B 366 13.81 -38.64 -18.01
C MET B 366 13.28 -40.03 -18.38
N LEU B 367 11.97 -40.14 -18.57
CA LEU B 367 11.37 -41.42 -18.97
C LEU B 367 11.76 -41.79 -20.39
N LEU B 368 11.76 -40.80 -21.28
CA LEU B 368 12.12 -41.03 -22.68
C LEU B 368 13.60 -40.78 -22.90
N GLY B 390 1.72 -43.01 -1.15
CA GLY B 390 2.43 -43.83 -2.10
C GLY B 390 1.71 -43.91 -3.43
N ALA B 391 2.46 -44.10 -4.51
CA ALA B 391 1.88 -44.16 -5.85
C ALA B 391 2.04 -45.55 -6.47
N ALA B 392 0.96 -46.04 -7.08
CA ALA B 392 0.98 -47.34 -7.73
C ALA B 392 0.83 -47.21 -9.25
N PHE B 393 1.78 -47.80 -9.97
CA PHE B 393 1.79 -47.77 -11.43
C PHE B 393 1.63 -49.17 -12.01
N LEU B 394 0.55 -49.39 -12.74
CA LEU B 394 0.32 -50.69 -13.39
C LEU B 394 0.73 -50.66 -14.85
N TYR B 400 4.58 -51.58 -9.85
CA TYR B 400 5.71 -50.78 -9.40
C TYR B 400 5.34 -49.84 -8.27
N PRO B 401 5.23 -50.38 -7.04
CA PRO B 401 4.89 -49.58 -5.86
C PRO B 401 6.09 -48.79 -5.32
N LEU B 402 5.88 -47.53 -4.98
CA LEU B 402 6.94 -46.71 -4.43
C LEU B 402 6.54 -46.10 -3.09
N UNK B 408 -3.01 -55.81 -3.16
CA UNK B 408 -2.43 -55.59 -4.49
C UNK B 408 -3.41 -56.01 -5.58
N UNK B 409 -3.64 -57.31 -5.70
CA UNK B 409 -4.55 -57.85 -6.71
C UNK B 409 -6.00 -57.50 -6.38
N UNK B 410 -6.32 -57.50 -5.09
CA UNK B 410 -7.67 -57.17 -4.64
C UNK B 410 -8.00 -55.72 -4.96
N UNK B 411 -7.02 -54.85 -4.84
CA UNK B 411 -7.19 -53.44 -5.17
C UNK B 411 -7.38 -53.27 -6.67
N UNK B 412 -6.71 -54.10 -7.45
CA UNK B 412 -6.82 -54.07 -8.90
C UNK B 412 -8.21 -54.51 -9.35
N UNK B 413 -8.70 -55.59 -8.73
CA UNK B 413 -10.03 -56.10 -9.03
C UNK B 413 -11.11 -55.10 -8.59
N UNK B 414 -10.89 -54.47 -7.45
CA UNK B 414 -11.81 -53.47 -6.93
C UNK B 414 -11.85 -52.25 -7.85
N UNK B 415 -10.69 -51.87 -8.37
CA UNK B 415 -10.60 -50.75 -9.30
C UNK B 415 -11.24 -51.11 -10.63
N UNK B 416 -11.16 -52.39 -11.00
CA UNK B 416 -11.78 -52.87 -12.24
C UNK B 416 -13.29 -52.96 -12.10
N UNK B 417 -13.76 -53.13 -10.87
CA UNK B 417 -15.19 -53.24 -10.60
C UNK B 417 -15.83 -51.87 -10.38
N UNK B 418 -15.02 -50.91 -9.94
CA UNK B 418 -15.51 -49.57 -9.65
C UNK B 418 -15.50 -48.67 -10.88
N UNK B 419 -14.62 -48.98 -11.83
CA UNK B 419 -14.49 -48.19 -13.05
C UNK B 419 -15.55 -48.56 -14.08
N UNK B 420 -16.36 -49.56 -13.77
CA UNK B 420 -17.42 -50.01 -14.66
C UNK B 420 -18.55 -48.99 -14.75
N GLY B 427 -10.44 -39.10 -15.43
CA GLY B 427 -9.76 -39.19 -14.15
C GLY B 427 -10.70 -39.00 -12.98
N LEU B 428 -10.56 -39.85 -11.96
CA LEU B 428 -11.42 -39.77 -10.78
C LEU B 428 -10.62 -39.36 -9.55
N SER B 429 -11.33 -38.83 -8.55
CA SER B 429 -10.71 -38.42 -7.29
C SER B 429 -11.63 -38.72 -6.13
N THR B 430 -11.22 -39.64 -5.26
CA THR B 430 -12.03 -40.03 -4.11
C THR B 430 -11.36 -39.68 -2.79
N ASP B 431 -12.11 -39.03 -1.92
CA ASP B 431 -11.62 -38.63 -0.60
C ASP B 431 -11.63 -39.82 0.35
N SER B 432 -12.74 -40.56 0.33
CA SER B 432 -12.88 -41.75 1.16
C SER B 432 -13.28 -42.95 0.31
N LEU B 433 -12.50 -44.03 0.40
CA LEU B 433 -12.78 -45.24 -0.36
C LEU B 433 -14.02 -45.94 0.17
N GLY B 434 -14.26 -45.79 1.47
CA GLY B 434 -15.45 -46.36 2.09
C GLY B 434 -16.69 -45.60 1.66
N ASP B 435 -16.52 -44.31 1.38
CA ASP B 435 -17.62 -43.47 0.93
C ASP B 435 -17.52 -43.19 -0.57
N UNK B 437 -14.92 -48.37 -3.43
CA UNK B 437 -14.52 -49.69 -2.95
C UNK B 437 -14.36 -49.70 -1.43
N UNK B 438 -15.28 -50.37 -0.73
CA UNK B 438 -15.28 -50.45 0.74
C UNK B 438 -14.28 -51.48 1.27
N UNK B 439 -13.73 -52.30 0.37
CA UNK B 439 -12.81 -53.35 0.75
C UNK B 439 -11.48 -52.83 1.23
N UNK B 440 -10.99 -51.76 0.61
CA UNK B 440 -9.70 -51.18 0.95
C UNK B 440 -9.74 -50.47 2.30
N UNK B 441 -10.95 -50.23 2.81
CA UNK B 441 -11.13 -49.58 4.10
C UNK B 441 -10.90 -50.57 5.24
N UNK B 442 -10.94 -51.87 4.91
CA UNK B 442 -10.73 -52.91 5.89
C UNK B 442 -9.25 -53.07 6.23
N ASP B 446 -6.85 -47.79 6.45
CA ASP B 446 -6.61 -46.38 6.74
C ASP B 446 -5.33 -45.89 6.08
N ALA B 447 -4.43 -46.83 5.78
CA ALA B 447 -3.19 -46.50 5.09
C ALA B 447 -3.47 -45.97 3.69
N VAL B 448 -4.52 -46.51 3.08
CA VAL B 448 -4.99 -46.02 1.78
C VAL B 448 -6.27 -45.21 1.98
N CYS B 449 -6.10 -44.02 2.56
CA CYS B 449 -7.24 -43.17 2.91
C CYS B 449 -8.07 -42.77 1.69
N GLY B 450 -7.48 -41.95 0.82
CA GLY B 450 -8.13 -41.54 -0.41
C GLY B 450 -7.22 -41.74 -1.59
N MET B 451 -7.73 -41.55 -2.80
CA MET B 451 -6.92 -41.80 -3.99
C MET B 451 -7.35 -41.03 -5.23
N ALA B 452 -6.47 -41.05 -6.23
CA ALA B 452 -6.75 -40.45 -7.53
C ALA B 452 -6.46 -41.46 -8.64
N VAL B 453 -7.44 -41.65 -9.52
CA VAL B 453 -7.34 -42.62 -10.59
C VAL B 453 -7.17 -41.94 -11.95
N ALA B 454 -6.19 -42.38 -12.73
CA ALA B 454 -5.98 -41.86 -14.07
C ALA B 454 -6.08 -42.97 -15.11
N TYR B 455 -7.14 -42.94 -15.91
CA TYR B 455 -7.35 -43.94 -16.95
C TYR B 455 -7.67 -43.28 -18.29
N PHE B 461 -3.19 -46.62 -17.19
CA PHE B 461 -3.84 -46.94 -15.93
C PHE B 461 -2.93 -46.67 -14.75
N LEU B 462 -2.92 -45.42 -14.29
CA LEU B 462 -2.06 -45.01 -13.19
C LEU B 462 -2.89 -44.68 -11.94
N PHE B 463 -2.35 -44.98 -10.77
CA PHE B 463 -3.10 -44.77 -9.54
C PHE B 463 -2.25 -44.09 -8.46
N TRP B 464 -2.85 -43.16 -7.72
CA TRP B 464 -2.15 -42.50 -6.63
C TRP B 464 -2.90 -42.66 -5.31
N PHE B 465 -2.22 -43.19 -4.30
CA PHE B 465 -2.85 -43.42 -3.00
C PHE B 465 -2.31 -42.49 -1.92
N ARG B 466 -3.17 -41.62 -1.39
CA ARG B 466 -2.81 -40.75 -0.29
C ARG B 466 -3.46 -41.20 1.02
N THR B 469 -3.88 -40.49 5.41
CA THR B 469 -4.07 -39.05 5.27
C THR B 469 -5.02 -38.52 6.34
N ALA B 470 -4.46 -38.14 7.49
CA ALA B 470 -5.25 -37.62 8.60
C ALA B 470 -4.58 -36.42 9.25
N LYS B 471 -5.23 -35.27 9.16
CA LYS B 471 -4.72 -34.04 9.78
C LYS B 471 -5.67 -33.56 10.87
N GLU B 472 -5.11 -33.19 12.02
CA GLU B 472 -5.92 -32.77 13.16
C GLU B 472 -6.32 -31.30 13.03
N ILE B 473 -7.53 -30.98 13.49
CA ILE B 473 -8.06 -29.63 13.42
C ILE B 473 -8.60 -29.17 14.77
N LYS B 474 -8.13 -28.03 15.24
CA LYS B 474 -8.58 -27.49 16.52
C LYS B 474 -9.74 -26.51 16.35
N TRP B 475 -10.83 -26.78 17.06
CA TRP B 475 -12.00 -25.91 17.04
C TRP B 475 -12.14 -25.16 18.35
N GLY B 476 -12.80 -24.01 18.30
CA GLY B 476 -12.98 -23.19 19.48
C GLY B 476 -14.41 -23.13 19.97
N GLY B 477 -14.92 -24.28 20.39
CA GLY B 477 -16.28 -24.35 20.93
C GLY B 477 -17.17 -25.33 20.21
N ALA B 478 -17.21 -25.23 18.88
CA ALA B 478 -18.09 -26.09 18.09
C ALA B 478 -17.52 -26.38 16.70
N LYS B 479 -17.87 -27.53 16.16
CA LYS B 479 -17.42 -27.94 14.83
C LYS B 479 -18.33 -27.37 13.75
N HIS B 480 -17.75 -27.02 12.61
CA HIS B 480 -18.54 -26.57 11.46
C HIS B 480 -19.05 -27.75 10.65
N HIS B 481 -20.37 -27.91 10.62
CA HIS B 481 -20.99 -28.95 9.81
C HIS B 481 -21.44 -28.37 8.48
N PRO B 482 -21.38 -29.16 7.40
CA PRO B 482 -21.87 -28.70 6.10
C PRO B 482 -23.38 -28.48 6.08
N GLU B 483 -24.07 -28.97 7.10
CA GLU B 483 -25.50 -28.81 7.22
C GLU B 483 -25.86 -27.50 7.93
N ASP B 484 -24.84 -26.81 8.44
CA ASP B 484 -25.06 -25.55 9.14
C ASP B 484 -25.55 -24.45 8.20
N LYS B 485 -26.66 -23.83 8.57
CA LYS B 485 -27.19 -22.70 7.80
C LYS B 485 -27.52 -21.55 8.75
N ASP B 486 -27.40 -20.33 8.25
CA ASP B 486 -27.72 -19.15 9.04
C ASP B 486 -29.21 -19.05 9.28
N ASP B 487 -29.59 -18.78 10.53
CA ASP B 487 -31.00 -18.68 10.90
C ASP B 487 -31.32 -17.27 11.36
N GLY B 488 -32.17 -16.57 10.62
CA GLY B 488 -32.48 -15.18 10.89
C GLY B 488 -33.19 -14.94 12.21
N GLN B 489 -33.92 -15.95 12.68
CA GLN B 489 -34.69 -15.83 13.92
C GLN B 489 -33.84 -16.16 15.15
N ARG B 490 -32.79 -16.94 14.95
CA ARG B 490 -31.90 -17.33 16.05
C ARG B 490 -31.21 -16.11 16.65
N MET B 491 -31.31 -15.95 17.97
CA MET B 491 -30.80 -14.76 18.63
C MET B 491 -29.91 -15.06 19.84
N HIS B 492 -29.44 -16.30 19.96
CA HIS B 492 -28.53 -16.66 21.05
C HIS B 492 -27.33 -17.44 20.54
N PRO B 493 -26.13 -16.99 20.91
CA PRO B 493 -24.87 -17.61 20.48
C PRO B 493 -24.48 -18.80 21.34
N ARG B 494 -23.24 -19.26 21.18
CA ARG B 494 -22.72 -20.34 22.01
C ARG B 494 -22.37 -19.83 23.40
N SER B 495 -22.18 -20.76 24.32
CA SER B 495 -21.84 -20.41 25.70
C SER B 495 -20.34 -20.50 25.92
N SER B 496 -19.74 -21.59 25.47
CA SER B 496 -18.32 -21.83 25.69
C SER B 496 -17.54 -21.88 24.38
N PHE B 497 -16.35 -21.28 24.39
CA PHE B 497 -15.45 -21.35 23.25
C PHE B 497 -14.22 -22.15 23.62
N GLN B 498 -14.41 -23.13 24.50
CA GLN B 498 -13.34 -24.01 24.95
C GLN B 498 -12.73 -24.75 23.78
N ALA B 499 -11.43 -24.54 23.57
CA ALA B 499 -10.73 -25.14 22.44
C ALA B 499 -10.63 -26.65 22.57
N PHE B 500 -11.32 -27.37 21.68
CA PHE B 500 -11.22 -28.83 21.65
C PHE B 500 -10.62 -29.28 20.32
N LEU B 501 -10.07 -30.49 20.30
CA LEU B 501 -9.34 -30.95 19.12
C LEU B 501 -10.04 -32.12 18.44
N GLU B 502 -10.27 -31.99 17.13
CA GLU B 502 -10.92 -33.02 16.34
C GLU B 502 -9.99 -33.60 15.29
N VAL B 503 -9.74 -34.91 15.37
CA VAL B 503 -8.99 -35.59 14.31
C VAL B 503 -9.97 -36.01 13.23
N VAL B 504 -9.46 -36.21 12.02
CA VAL B 504 -10.32 -36.55 10.89
C VAL B 504 -9.81 -37.72 10.08
N LYS B 505 -10.61 -38.79 10.03
CA LYS B 505 -10.34 -39.92 9.14
C LYS B 505 -11.48 -40.05 8.16
N SER B 506 -11.33 -40.93 7.18
CA SER B 506 -12.29 -41.09 6.08
C SER B 506 -12.48 -39.78 5.32
N ARG B 507 -11.45 -38.94 5.35
CA ARG B 507 -11.40 -37.69 4.59
C ARG B 507 -9.95 -37.37 4.29
N SER B 508 -9.45 -37.89 3.16
CA SER B 508 -8.03 -37.80 2.83
C SER B 508 -7.58 -36.39 2.48
N GLN B 509 -6.31 -36.29 2.09
CA GLN B 509 -5.74 -35.04 1.64
C GLN B 509 -6.46 -34.54 0.39
N PRO B 510 -7.09 -33.35 0.49
CA PRO B 510 -7.91 -32.78 -0.59
C PRO B 510 -7.18 -32.69 -1.92
N TRP B 511 -7.76 -33.26 -2.97
CA TRP B 511 -7.20 -33.17 -4.30
C TRP B 511 -7.47 -31.79 -4.89
N GLU B 512 -6.46 -30.93 -4.86
CA GLU B 512 -6.59 -29.57 -5.36
C GLU B 512 -6.87 -29.55 -6.86
N THR B 513 -7.36 -28.41 -7.34
CA THR B 513 -7.65 -28.23 -8.75
C THR B 513 -6.39 -28.37 -9.59
N ALA B 514 -5.31 -27.76 -9.11
CA ALA B 514 -4.01 -27.82 -9.80
C ALA B 514 -3.50 -29.25 -9.86
N GLU B 515 -3.65 -29.98 -8.76
CA GLU B 515 -3.21 -31.37 -8.68
C GLU B 515 -3.95 -32.25 -9.68
N MET B 516 -5.28 -32.18 -9.66
CA MET B 516 -6.11 -32.99 -10.53
C MET B 516 -5.93 -32.63 -12.00
N ASP B 517 -5.80 -31.33 -12.28
CA ASP B 517 -5.57 -30.88 -13.66
C ASP B 517 -4.20 -31.32 -14.16
N ALA B 518 -3.22 -31.33 -13.26
CA ALA B 518 -1.88 -31.81 -13.60
C ALA B 518 -1.91 -33.30 -13.90
N ILE B 519 -2.65 -34.05 -13.08
CA ILE B 519 -2.81 -35.48 -13.28
C ILE B 519 -3.49 -35.78 -14.61
N HIS B 520 -4.52 -35.00 -14.92
CA HIS B 520 -5.24 -35.14 -16.19
C HIS B 520 -4.34 -34.74 -17.35
N SER B 521 -3.37 -33.88 -17.09
CA SER B 521 -2.45 -33.41 -18.12
C SER B 521 -1.32 -34.40 -18.36
N LEU B 522 -1.18 -35.39 -17.48
CA LEU B 522 -0.14 -36.41 -17.60
C LEU B 522 -0.39 -37.29 -18.83
S SO4 C . -15.03 17.57 -4.13
O1 SO4 C . -14.31 17.52 -5.39
O2 SO4 C . -15.57 18.90 -3.90
O3 SO4 C . -14.13 17.21 -3.03
O4 SO4 C . -16.14 16.60 -4.16
S SO4 D . 34.84 21.08 -11.26
O1 SO4 D . 34.62 22.52 -11.20
O2 SO4 D . 35.81 20.78 -12.31
O3 SO4 D . 35.37 20.62 -9.98
O4 SO4 D . 33.59 20.40 -11.56
S SO4 E . -1.83 22.99 -20.17
O1 SO4 E . -1.09 24.10 -19.57
O2 SO4 E . -1.50 22.89 -21.58
O3 SO4 E . -1.49 21.75 -19.49
O4 SO4 E . -3.27 23.25 -20.03
S SO4 F . 2.42 35.25 24.61
O1 SO4 F . 3.07 36.06 23.58
O2 SO4 F . 2.69 33.84 24.36
O3 SO4 F . 2.96 35.62 25.92
O4 SO4 F . 0.99 35.49 24.60
S SO4 G . 12.02 25.49 32.59
O1 SO4 G . 11.82 24.84 31.30
O2 SO4 G . 13.44 25.50 32.92
O3 SO4 G . 11.29 24.76 33.63
O4 SO4 G . 11.52 26.86 32.53
S SO4 H . 26.97 9.98 9.99
O1 SO4 H . 28.05 9.05 10.32
O2 SO4 H . 27.23 10.59 8.70
O3 SO4 H . 26.88 11.01 11.02
O4 SO4 H . 25.70 9.25 9.94
S SO4 I . 19.15 0.07 -6.06
O1 SO4 I . 18.26 0.50 -7.14
O2 SO4 I . 20.52 0.40 -6.40
O3 SO4 I . 19.02 -1.37 -5.88
O4 SO4 I . 18.77 0.76 -4.83
C1 GOL J . 11.41 23.38 -19.67
O1 GOL J . 12.12 23.62 -20.87
C2 GOL J . 12.18 22.39 -18.82
O2 GOL J . 11.64 21.10 -18.96
C3 GOL J . 12.09 22.81 -17.35
O3 GOL J . 12.76 21.85 -16.56
CAH O6E K . 29.29 17.61 -11.13
CAC O6E K . 27.98 17.33 -10.40
CBJ O6E K . 27.21 16.12 -10.94
CBD O6E K . 26.93 16.11 -12.48
CAT O6E K . 27.61 15.09 -13.22
CAX O6E K . 25.44 15.82 -12.50
OBQ O6E K . 24.85 15.65 -13.54
NBP O6E K . 24.80 15.76 -11.28
CBN O6E K . 25.81 16.01 -10.39
CAQ O6E K . 25.62 16.05 -9.03
CAY O6E K . 24.25 15.83 -8.27
NAN O6E K . 23.01 15.58 -8.76
CBE O6E K . 24.18 15.91 -6.88
CAU O6E K . 25.32 16.18 -5.93
CBK O6E K . 22.84 15.67 -6.54
CAD O6E K . 22.26 15.65 -5.12
CAI O6E K . 21.92 17.09 -4.66
CAM O6E K . 21.13 17.11 -3.32
OBG O6E K . 21.35 18.05 -2.47
OBA O6E K . 20.28 16.21 -3.07
CBO O6E K . 22.14 15.47 -7.72
CAO O6E K . 20.64 15.18 -7.75
CAV O6E K . 19.81 14.94 -8.92
NAE O6E K . 20.20 14.95 -10.19
CBB O6E K . 18.43 14.68 -8.89
CAA O6E K . 17.53 14.59 -7.59
CAF O6E K . 16.54 15.84 -7.46
CAL O6E K . 16.40 16.44 -6.06
OBF O6E K . 15.53 17.32 -5.84
OAZ O6E K . 17.17 16.08 -5.11
CBH O6E K . 18.00 14.52 -10.18
CAR O6E K . 16.55 14.21 -10.59
CBL O6E K . 19.12 14.70 -10.99
CAP O6E K . 19.19 14.61 -12.57
CAW O6E K . 18.09 14.89 -13.34
CBC O6E K . 17.68 14.14 -14.44
CAS O6E K . 18.38 12.91 -15.01
NAJ O6E K . 17.22 15.89 -13.17
CBM O6E K . 16.28 15.81 -14.12
OAK O6E K . 15.32 16.60 -14.24
CBI O6E K . 16.55 14.71 -14.94
CAB O6E K . 15.78 14.19 -16.18
CAG O6E K . 14.65 14.78 -16.64
C1 GOL L . -4.32 1.92 -0.86
O1 GOL L . -2.92 2.02 -0.91
C2 GOL L . -4.93 3.23 -0.39
O2 GOL L . -5.03 3.22 1.02
C3 GOL L . -6.30 3.43 -1.01
O3 GOL L . -6.88 4.62 -0.54
S SO4 M . -24.35 -22.49 17.47
O1 SO4 M . -23.15 -21.76 17.03
O2 SO4 M . -24.93 -23.18 16.32
O3 SO4 M . -23.97 -23.46 18.49
O4 SO4 M . -25.31 -21.56 18.02
S SO4 N . -35.85 -10.96 10.86
O1 SO4 N . -35.75 -9.50 10.88
O2 SO4 N . -34.64 -11.52 10.26
O3 SO4 N . -36.01 -11.46 12.23
O4 SO4 N . -37.02 -11.36 10.06
S SO4 O . 2.39 -6.65 26.09
O1 SO4 O . 2.66 -5.22 26.05
O2 SO4 O . 3.40 -7.36 25.31
O3 SO4 O . 2.41 -7.12 27.47
O4 SO4 O . 1.08 -6.91 25.50
S SO4 P . -21.46 30.97 15.48
O1 SO4 P . -20.11 31.53 15.54
O2 SO4 P . -21.52 30.00 14.39
O3 SO4 P . -21.77 30.31 16.74
O4 SO4 P . -22.43 32.03 15.23
C1 PGE Q . -3.89 15.94 16.48
O1 PGE Q . -3.16 14.78 16.43
C2 PGE Q . -5.32 15.88 16.05
O2 PGE Q . -6.11 16.99 16.28
C3 PGE Q . -7.43 16.97 15.92
C4 PGE Q . -8.33 17.97 16.58
O4 PGE Q . -12.61 18.25 15.67
C6 PGE Q . -11.81 19.20 16.25
C5 PGE Q . -10.55 18.75 16.92
O3 PGE Q . -9.64 18.03 16.17
CAH O6E R . -27.46 -16.66 16.84
CAC O6E R . -26.48 -15.55 16.43
CBJ O6E R . -25.29 -16.06 15.61
CBD O6E R . -24.38 -17.13 16.30
CAT O6E R . -24.47 -18.45 15.73
CAX O6E R . -23.01 -16.55 16.00
OBQ O6E R . -22.01 -17.20 16.24
NBP O6E R . -22.96 -15.31 15.45
CBN O6E R . -24.28 -14.96 15.34
CAQ O6E R . -24.72 -13.77 14.84
CAY O6E R . -23.83 -12.59 14.30
NAN O6E R . -22.48 -12.47 14.21
CBE O6E R . -24.42 -11.43 13.81
CAU O6E R . -25.90 -11.13 13.74
CBK O6E R . -23.39 -10.58 13.41
CAD O6E R . -23.52 -9.17 12.82
CAI O6E R . -23.16 -8.08 13.86
CAM O6E R . -23.67 -6.67 13.47
OBG O6E R . -24.92 -6.40 13.56
OBA O6E R . -22.85 -5.80 13.07
CBO O6E R . -22.19 -11.26 13.66
CAO O6E R . -20.83 -10.63 13.35
CAV O6E R . -19.53 -11.23 13.56
NAE O6E R . -19.27 -12.42 14.08
CBB O6E R . -18.32 -10.59 13.25
CAA O6E R . -18.15 -9.15 12.63
CAF O6E R . -17.70 -8.09 13.74
CAL O6E R . -18.58 -6.84 13.77
OBF O6E R . -18.27 -5.90 14.56
OAZ O6E R . -19.61 -6.73 13.02
CBH O6E R . -17.31 -11.46 13.59
CAR O6E R . -15.81 -11.18 13.41
CBL O6E R . -17.93 -12.60 14.11
CAP O6E R . -17.21 -13.89 14.65
CAW O6E R . -16.02 -13.87 15.32
CBC O6E R . -15.09 -14.91 15.32
CAS O6E R . -15.20 -16.24 14.60
NAJ O6E R . -15.54 -12.87 16.08
CBM O6E R . -14.33 -13.24 16.57
OAK O6E R . -13.63 -12.54 17.30
CBI O6E R . -14.03 -14.52 16.10
CAB O6E R . -12.78 -15.38 16.36
CAG O6E R . -11.75 -14.96 17.13
#